data_8OFW
#
_entry.id   8OFW
#
_cell.length_a   46.050
_cell.length_b   85.215
_cell.length_c   181.005
_cell.angle_alpha   90.000
_cell.angle_beta   90.000
_cell.angle_gamma   90.000
#
_symmetry.space_group_name_H-M   'P 21 21 21'
#
loop_
_entity.id
_entity.type
_entity.pdbx_description
1 polymer 'Dihydroorotate dehydrogenase (quinone)'
2 non-polymer 'FLAVIN MONONUCLEOTIDE'
#
_entity_poly.entity_id   1
_entity_poly.type   'polypeptide(L)'
_entity_poly.pdbx_seq_one_letter_code
;MGSSHHHHHHSSGLVPRGSHMYPLVRRLLFLIPPEHAHKLVFAVLRGVAAVAPVRRLLRRLLGPTDPVLASTVFGVRFPA
PLGLAAGFDKDGTALSSWGAMGFGYAEIGTVTAHPQPGNPAPRLFRLADDRALLNRMGFNNHGARALAIRLARHRPEIPI
GVNIGKTKKTPAGDAVNDYRASARMVGPLASYLVVNVSSPNTPGLRDLQAVESLRPILSAVRAETSTPVLVKIAPDLSDS
DLDDIADLAVELDLAGIVATNTTVSRDGLTTPGVDRLGPGGISGPPLAQRAVQVLRRLYDRVGDRLALISVGGIETADDA
WERITAGASLLQGYTGFIYGGERWAKDIHEGIARRLHDGGFGSLHEAVGSARRRQPS
;
_entity_poly.pdbx_strand_id   A,B
#
# COMPACT_ATOMS: atom_id res chain seq x y z
N PRO A 23 -0.96 -27.94 -17.14
CA PRO A 23 0.44 -27.51 -17.23
C PRO A 23 1.25 -28.30 -18.26
N LEU A 24 0.71 -29.43 -18.73
CA LEU A 24 1.41 -30.27 -19.68
C LEU A 24 1.53 -29.58 -21.05
N VAL A 25 0.49 -28.85 -21.45
CA VAL A 25 0.55 -28.05 -22.67
C VAL A 25 1.68 -27.03 -22.55
N ARG A 26 1.78 -26.37 -21.38
CA ARG A 26 2.85 -25.41 -21.13
C ARG A 26 4.19 -26.12 -21.15
N ARG A 27 4.25 -27.33 -20.57
CA ARG A 27 5.47 -28.12 -20.58
C ARG A 27 5.90 -28.41 -22.01
N LEU A 28 4.91 -28.68 -22.89
CA LEU A 28 5.18 -28.85 -24.31
C LEU A 28 5.50 -27.51 -24.96
N LEU A 29 4.85 -26.43 -24.51
CA LEU A 29 4.91 -25.16 -25.21
C LEU A 29 6.12 -24.32 -24.82
N PHE A 30 6.63 -24.46 -23.58
CA PHE A 30 7.69 -23.56 -23.14
C PHE A 30 9.02 -23.88 -23.85
N LEU A 31 9.16 -25.08 -24.42
CA LEU A 31 10.43 -25.47 -25.01
C LEU A 31 10.63 -24.81 -26.38
N ILE A 32 9.58 -24.72 -27.17
CA ILE A 32 9.67 -24.06 -28.46
C ILE A 32 9.86 -22.57 -28.23
N PRO A 33 10.49 -21.83 -29.16
CA PRO A 33 10.79 -20.41 -28.93
C PRO A 33 9.52 -19.65 -28.59
N PRO A 34 9.59 -18.66 -27.68
CA PRO A 34 8.38 -18.00 -27.19
C PRO A 34 7.58 -17.30 -28.28
N GLU A 35 8.27 -16.75 -29.29
CA GLU A 35 7.59 -16.06 -30.37
C GLU A 35 6.85 -17.08 -31.23
N HIS A 36 7.52 -18.18 -31.56
CA HIS A 36 6.91 -19.23 -32.37
C HIS A 36 5.74 -19.88 -31.63
N ALA A 37 5.88 -20.07 -30.32
CA ALA A 37 4.79 -20.58 -29.51
C ALA A 37 3.60 -19.63 -29.53
N HIS A 38 3.86 -18.33 -29.39
CA HIS A 38 2.82 -17.33 -29.45
C HIS A 38 2.12 -17.38 -30.81
N LYS A 39 2.90 -17.51 -31.89
CA LYS A 39 2.36 -17.55 -33.24
C LYS A 39 1.34 -18.68 -33.36
N LEU A 40 1.64 -19.84 -32.78
CA LEU A 40 0.73 -20.97 -32.84
C LEU A 40 -0.50 -20.73 -31.98
N VAL A 41 -0.30 -20.28 -30.73
CA VAL A 41 -1.39 -19.97 -29.83
C VAL A 41 -2.30 -18.93 -30.48
N PHE A 42 -1.69 -17.94 -31.14
CA PHE A 42 -2.43 -16.88 -31.80
C PHE A 42 -3.33 -17.47 -32.90
N ALA A 43 -2.75 -18.35 -33.72
CA ALA A 43 -3.48 -18.97 -34.81
C ALA A 43 -4.69 -19.72 -34.26
N VAL A 44 -4.51 -20.41 -33.13
CA VAL A 44 -5.56 -21.26 -32.60
C VAL A 44 -6.74 -20.42 -32.12
N LEU A 45 -6.45 -19.27 -31.48
CA LEU A 45 -7.52 -18.40 -31.02
C LEU A 45 -8.22 -17.71 -32.19
N ARG A 46 -7.51 -17.53 -33.32
CA ARG A 46 -8.11 -16.91 -34.49
C ARG A 46 -9.13 -17.86 -35.14
N GLY A 47 -8.91 -19.17 -34.99
CA GLY A 47 -9.81 -20.16 -35.53
C GLY A 47 -11.04 -20.38 -34.64
N VAL A 48 -10.88 -20.13 -33.34
CA VAL A 48 -11.99 -20.26 -32.40
C VAL A 48 -13.00 -19.13 -32.62
N ALA A 49 -12.53 -17.98 -33.10
CA ALA A 49 -13.42 -16.88 -33.43
C ALA A 49 -14.15 -17.12 -34.75
N ALA A 50 -13.71 -18.11 -35.55
CA ALA A 50 -14.35 -18.42 -36.81
C ALA A 50 -15.69 -19.13 -36.58
N VAL A 51 -15.73 -20.03 -35.60
CA VAL A 51 -16.95 -20.76 -35.29
C VAL A 51 -17.69 -20.01 -34.18
N ALA A 52 -18.88 -19.49 -34.52
CA ALA A 52 -19.65 -18.68 -33.58
C ALA A 52 -20.15 -19.51 -32.40
N PRO A 53 -20.72 -20.72 -32.59
CA PRO A 53 -21.22 -21.48 -31.45
C PRO A 53 -20.16 -21.85 -30.40
N VAL A 54 -18.97 -22.25 -30.85
CA VAL A 54 -17.91 -22.62 -29.92
C VAL A 54 -17.48 -21.38 -29.13
N ARG A 55 -17.44 -20.22 -29.79
CA ARG A 55 -17.19 -18.96 -29.11
C ARG A 55 -18.29 -18.75 -28.07
N ARG A 56 -19.55 -18.95 -28.47
CA ARG A 56 -20.66 -18.96 -27.53
C ARG A 56 -20.48 -20.07 -26.50
N LEU A 57 -20.00 -21.23 -26.95
CA LEU A 57 -19.85 -22.38 -26.05
C LEU A 57 -18.75 -22.12 -25.02
N LEU A 58 -17.61 -21.56 -25.43
CA LEU A 58 -16.58 -21.19 -24.47
C LEU A 58 -17.15 -20.16 -23.51
N ARG A 59 -18.02 -19.28 -24.03
CA ARG A 59 -18.81 -18.42 -23.17
C ARG A 59 -19.76 -19.28 -22.35
N ARG A 60 -20.36 -20.31 -22.96
CA ARG A 60 -21.30 -21.16 -22.25
C ARG A 60 -20.59 -22.09 -21.27
N LEU A 61 -19.25 -22.08 -21.23
CA LEU A 61 -18.52 -22.84 -20.22
C LEU A 61 -18.15 -21.98 -19.01
N LEU A 62 -17.84 -20.69 -19.20
CA LEU A 62 -17.60 -19.77 -18.08
C LEU A 62 -18.12 -18.36 -18.39
N GLY A 63 -19.45 -18.28 -18.55
CA GLY A 63 -20.15 -17.07 -18.95
C GLY A 63 -20.60 -16.20 -17.77
N PRO A 64 -21.20 -16.76 -16.69
CA PRO A 64 -21.77 -15.92 -15.63
C PRO A 64 -20.66 -15.05 -15.06
N THR A 65 -20.68 -13.77 -15.44
CA THR A 65 -19.84 -12.75 -14.85
C THR A 65 -20.71 -12.00 -13.86
N ASP A 66 -20.29 -11.92 -12.60
CA ASP A 66 -21.15 -11.33 -11.59
C ASP A 66 -21.48 -9.91 -12.05
N PRO A 67 -22.76 -9.49 -12.04
CA PRO A 67 -23.14 -8.23 -12.67
C PRO A 67 -22.59 -6.99 -11.95
N VAL A 68 -22.16 -7.16 -10.70
CA VAL A 68 -21.62 -6.07 -9.91
C VAL A 68 -20.32 -5.52 -10.53
N LEU A 69 -19.49 -6.42 -11.08
CA LEU A 69 -18.18 -6.07 -11.63
C LEU A 69 -18.29 -4.97 -12.68
N ALA A 70 -19.42 -4.88 -13.39
CA ALA A 70 -19.57 -3.90 -14.45
C ALA A 70 -19.50 -2.47 -13.91
N SER A 71 -18.79 -1.61 -14.64
CA SER A 71 -18.69 -0.20 -14.30
C SER A 71 -18.44 0.62 -15.57
N THR A 72 -18.72 1.91 -15.50
CA THR A 72 -18.53 2.82 -16.62
C THR A 72 -17.41 3.82 -16.28
N VAL A 73 -16.45 3.96 -17.20
CA VAL A 73 -15.26 4.78 -16.97
C VAL A 73 -14.98 5.63 -18.21
N PHE A 74 -14.59 6.89 -17.98
CA PHE A 74 -14.27 7.88 -19.01
C PHE A 74 -15.31 7.91 -20.14
N GLY A 75 -16.59 7.69 -19.80
CA GLY A 75 -17.66 7.78 -20.78
C GLY A 75 -17.79 6.53 -21.65
N VAL A 76 -17.12 5.44 -21.24
CA VAL A 76 -17.30 4.13 -21.85
C VAL A 76 -17.44 3.12 -20.70
N ARG A 77 -18.43 2.23 -20.81
CA ARG A 77 -18.66 1.26 -19.76
C ARG A 77 -17.94 -0.04 -20.06
N PHE A 78 -17.65 -0.79 -18.99
CA PHE A 78 -16.85 -2.00 -19.07
C PHE A 78 -17.55 -3.08 -18.27
N PRO A 79 -17.98 -4.20 -18.89
CA PRO A 79 -18.60 -5.29 -18.13
C PRO A 79 -17.70 -5.88 -17.04
N ALA A 80 -16.37 -5.77 -17.20
CA ALA A 80 -15.43 -6.28 -16.21
C ALA A 80 -14.19 -5.41 -16.22
N PRO A 81 -13.38 -5.40 -15.14
CA PRO A 81 -12.21 -4.54 -15.06
C PRO A 81 -10.94 -5.10 -15.69
N LEU A 82 -10.88 -6.44 -15.89
CA LEU A 82 -9.66 -7.04 -16.39
C LEU A 82 -9.68 -7.08 -17.91
N GLY A 83 -8.56 -6.71 -18.53
CA GLY A 83 -8.47 -6.66 -19.99
C GLY A 83 -7.09 -7.05 -20.47
N LEU A 84 -6.96 -7.24 -21.80
CA LEU A 84 -5.72 -7.68 -22.41
C LEU A 84 -4.88 -6.47 -22.76
N ALA A 85 -3.61 -6.47 -22.32
CA ALA A 85 -2.69 -5.38 -22.62
C ALA A 85 -2.21 -5.49 -24.06
N ALA A 86 -1.84 -4.35 -24.63
CA ALA A 86 -1.42 -4.32 -26.02
C ALA A 86 -0.18 -5.18 -26.22
N GLY A 87 0.02 -5.63 -27.46
CA GLY A 87 1.15 -6.47 -27.80
C GLY A 87 0.77 -7.91 -28.13
N PHE A 88 -0.46 -8.34 -27.76
CA PHE A 88 -0.88 -9.70 -28.07
C PHE A 88 -1.40 -9.78 -29.50
N ASP A 89 -2.46 -9.02 -29.78
CA ASP A 89 -2.95 -8.85 -31.14
C ASP A 89 -2.68 -7.40 -31.54
N LYS A 90 -1.60 -7.19 -32.30
CA LYS A 90 -1.19 -5.85 -32.70
C LYS A 90 -1.97 -5.40 -33.92
N ASP A 91 -2.36 -6.33 -34.78
CA ASP A 91 -2.98 -6.00 -36.06
C ASP A 91 -4.50 -6.14 -36.00
N GLY A 92 -5.04 -6.65 -34.88
CA GLY A 92 -6.47 -6.74 -34.67
C GLY A 92 -7.13 -7.85 -35.49
N THR A 93 -6.55 -9.05 -35.48
CA THR A 93 -7.04 -10.16 -36.27
C THR A 93 -8.03 -11.02 -35.48
N ALA A 94 -7.86 -11.09 -34.15
CA ALA A 94 -8.68 -11.99 -33.34
C ALA A 94 -9.50 -11.19 -32.33
N LEU A 95 -10.18 -10.14 -32.79
CA LEU A 95 -10.97 -9.30 -31.91
C LEU A 95 -12.11 -10.09 -31.29
N SER A 96 -12.74 -10.96 -32.08
CA SER A 96 -13.93 -11.67 -31.65
C SER A 96 -13.61 -12.74 -30.62
N SER A 97 -12.37 -13.27 -30.65
CA SER A 97 -11.98 -14.39 -29.82
C SER A 97 -11.95 -14.02 -28.33
N TRP A 98 -11.66 -12.74 -28.05
CA TRP A 98 -11.34 -12.32 -26.69
C TRP A 98 -12.56 -12.27 -25.78
N GLY A 99 -13.76 -12.10 -26.36
CA GLY A 99 -14.98 -12.13 -25.57
C GLY A 99 -15.18 -13.48 -24.85
N ALA A 100 -14.87 -14.58 -25.56
CA ALA A 100 -15.05 -15.91 -25.01
C ALA A 100 -14.02 -16.18 -23.92
N MET A 101 -12.84 -15.55 -24.00
CA MET A 101 -11.80 -15.74 -23.01
C MET A 101 -12.16 -15.04 -21.69
N GLY A 102 -13.04 -14.03 -21.75
CA GLY A 102 -13.62 -13.46 -20.54
C GLY A 102 -12.96 -12.18 -20.08
N PHE A 103 -12.22 -11.49 -20.96
CA PHE A 103 -11.72 -10.17 -20.60
C PHE A 103 -12.85 -9.17 -20.68
N GLY A 104 -12.88 -8.21 -19.74
CA GLY A 104 -13.85 -7.12 -19.75
C GLY A 104 -13.70 -6.20 -20.96
N TYR A 105 -12.45 -5.80 -21.24
CA TYR A 105 -12.16 -4.93 -22.36
C TYR A 105 -10.92 -5.43 -23.11
N ALA A 106 -10.79 -4.94 -24.35
CA ALA A 106 -9.67 -5.28 -25.21
C ALA A 106 -8.97 -4.01 -25.66
N GLU A 107 -7.66 -4.14 -25.88
CA GLU A 107 -6.85 -3.08 -26.43
C GLU A 107 -6.01 -3.69 -27.55
N ILE A 108 -6.19 -3.18 -28.76
CA ILE A 108 -5.39 -3.65 -29.89
C ILE A 108 -3.98 -3.12 -29.71
N GLY A 109 -3.01 -3.94 -30.13
CA GLY A 109 -1.60 -3.63 -29.93
C GLY A 109 -1.21 -2.30 -30.55
N THR A 110 -0.03 -1.81 -30.19
CA THR A 110 0.36 -0.47 -30.59
C THR A 110 0.53 -0.43 -32.10
N VAL A 111 -0.12 0.56 -32.73
CA VAL A 111 -0.14 0.68 -34.17
C VAL A 111 0.47 2.03 -34.56
N THR A 112 1.33 2.00 -35.57
CA THR A 112 1.87 3.20 -36.19
C THR A 112 1.17 3.39 -37.53
N ALA A 113 0.99 4.65 -37.93
CA ALA A 113 0.22 4.97 -39.13
C ALA A 113 0.78 4.19 -40.33
N HIS A 114 2.08 4.32 -40.58
CA HIS A 114 2.69 3.64 -41.70
C HIS A 114 3.21 2.29 -41.21
N PRO A 115 2.94 1.18 -41.95
CA PRO A 115 3.33 -0.16 -41.48
C PRO A 115 4.84 -0.29 -41.25
N GLN A 116 5.21 -0.76 -40.06
CA GLN A 116 6.61 -0.86 -39.66
C GLN A 116 6.95 -2.33 -39.36
N PRO A 117 8.07 -2.85 -39.90
CA PRO A 117 8.60 -4.13 -39.41
C PRO A 117 9.17 -3.93 -38.02
N GLY A 118 8.87 -4.88 -37.14
CA GLY A 118 9.36 -4.81 -35.77
C GLY A 118 10.87 -4.98 -35.69
N ASN A 119 11.38 -4.98 -34.46
CA ASN A 119 12.79 -5.19 -34.24
C ASN A 119 13.15 -6.64 -34.61
N PRO A 120 14.22 -6.89 -35.40
CA PRO A 120 14.56 -8.25 -35.81
C PRO A 120 14.85 -9.25 -34.67
N ALA A 121 14.85 -10.54 -35.03
CA ALA A 121 14.91 -11.63 -34.06
C ALA A 121 16.31 -11.75 -33.48
N PRO A 122 16.50 -12.33 -32.28
CA PRO A 122 15.39 -12.74 -31.40
C PRO A 122 14.87 -11.56 -30.56
N ARG A 123 13.56 -11.30 -30.64
CA ARG A 123 12.97 -10.12 -30.04
C ARG A 123 12.27 -10.43 -28.71
N LEU A 124 12.11 -11.72 -28.37
CA LEU A 124 11.39 -12.11 -27.17
C LEU A 124 12.18 -13.22 -26.47
N PHE A 125 12.29 -13.10 -25.14
CA PHE A 125 13.00 -14.06 -24.32
C PHE A 125 12.15 -14.42 -23.11
N ARG A 126 12.42 -15.60 -22.54
CA ARG A 126 11.69 -16.09 -21.39
C ARG A 126 12.55 -15.98 -20.13
N LEU A 127 11.91 -15.63 -19.02
CA LEU A 127 12.55 -15.64 -17.70
C LEU A 127 11.63 -16.39 -16.77
N ALA A 128 11.86 -17.70 -16.68
CA ALA A 128 10.92 -18.63 -16.06
C ALA A 128 10.72 -18.32 -14.58
N ASP A 129 11.83 -18.24 -13.82
CA ASP A 129 11.74 -18.28 -12.37
C ASP A 129 10.99 -17.06 -11.84
N ASP A 130 11.28 -15.86 -12.38
CA ASP A 130 10.51 -14.69 -12.01
C ASP A 130 9.16 -14.64 -12.73
N ARG A 131 8.92 -15.56 -13.68
CA ARG A 131 7.69 -15.57 -14.47
C ARG A 131 7.55 -14.27 -15.23
N ALA A 132 8.66 -13.80 -15.80
CA ALA A 132 8.73 -12.53 -16.50
C ALA A 132 9.24 -12.73 -17.91
N LEU A 133 8.96 -11.76 -18.80
CA LEU A 133 9.40 -11.80 -20.18
C LEU A 133 10.04 -10.46 -20.55
N LEU A 134 10.92 -10.51 -21.55
CA LEU A 134 11.62 -9.33 -22.07
C LEU A 134 11.35 -9.21 -23.57
N ASN A 135 11.10 -7.98 -24.02
CA ASN A 135 10.79 -7.71 -25.41
C ASN A 135 11.90 -6.82 -26.01
N PHE A 139 7.92 -2.42 -32.41
CA PHE A 139 6.50 -2.13 -32.74
C PHE A 139 6.15 -2.67 -34.11
N ASN A 140 6.20 -4.00 -34.26
CA ASN A 140 5.75 -4.64 -35.47
C ASN A 140 4.23 -4.45 -35.60
N ASN A 141 3.81 -3.93 -36.76
CA ASN A 141 2.40 -3.62 -36.98
C ASN A 141 2.12 -3.63 -38.48
N HIS A 142 0.83 -3.75 -38.82
CA HIS A 142 0.39 -3.69 -40.20
C HIS A 142 -0.16 -2.31 -40.56
N GLY A 143 -0.15 -1.38 -39.60
CA GLY A 143 -0.61 -0.02 -39.84
C GLY A 143 -2.08 0.15 -39.48
N ALA A 144 -2.52 1.41 -39.47
CA ALA A 144 -3.89 1.75 -39.14
C ALA A 144 -4.85 1.29 -40.25
N ARG A 145 -4.32 0.96 -41.43
CA ARG A 145 -5.11 0.49 -42.55
C ARG A 145 -5.76 -0.85 -42.22
N ALA A 146 -4.92 -1.85 -41.90
CA ALA A 146 -5.39 -3.20 -41.65
C ALA A 146 -6.39 -3.23 -40.49
N LEU A 147 -6.13 -2.43 -39.44
CA LEU A 147 -7.01 -2.37 -38.29
C LEU A 147 -8.38 -1.80 -38.70
N ALA A 148 -8.38 -0.67 -39.41
CA ALA A 148 -9.63 -0.03 -39.78
C ALA A 148 -10.51 -0.98 -40.61
N ILE A 149 -9.89 -1.85 -41.42
CA ILE A 149 -10.63 -2.82 -42.22
C ILE A 149 -11.31 -3.83 -41.28
N ARG A 150 -10.61 -4.27 -40.23
CA ARG A 150 -11.20 -5.20 -39.27
C ARG A 150 -12.33 -4.50 -38.50
N LEU A 151 -12.15 -3.20 -38.22
CA LEU A 151 -13.14 -2.41 -37.52
C LEU A 151 -14.28 -1.97 -38.45
N ALA A 152 -14.20 -2.25 -39.76
CA ALA A 152 -15.28 -1.92 -40.67
C ALA A 152 -16.27 -3.08 -40.84
N ARG A 153 -15.89 -4.29 -40.40
CA ARG A 153 -16.81 -5.43 -40.34
C ARG A 153 -16.49 -6.26 -39.10
N HIS A 154 -16.97 -5.77 -37.96
CA HIS A 154 -16.79 -6.43 -36.68
C HIS A 154 -17.91 -5.97 -35.76
N ARG A 155 -18.59 -6.92 -35.12
CA ARG A 155 -19.56 -6.59 -34.09
C ARG A 155 -18.88 -6.71 -32.74
N PRO A 156 -18.72 -5.61 -31.98
CA PRO A 156 -17.92 -5.64 -30.76
C PRO A 156 -18.72 -6.23 -29.60
N GLU A 157 -18.30 -7.42 -29.17
CA GLU A 157 -18.90 -8.06 -28.01
C GLU A 157 -18.50 -7.28 -26.75
N ILE A 158 -17.26 -6.76 -26.76
CA ILE A 158 -16.73 -6.00 -25.63
C ILE A 158 -16.16 -4.70 -26.18
N PRO A 159 -15.95 -3.67 -25.34
CA PRO A 159 -15.29 -2.45 -25.81
C PRO A 159 -13.83 -2.69 -26.21
N ILE A 160 -13.45 -2.21 -27.39
CA ILE A 160 -12.11 -2.39 -27.95
C ILE A 160 -11.38 -1.06 -27.91
N GLY A 161 -10.12 -1.09 -27.49
CA GLY A 161 -9.28 0.10 -27.40
C GLY A 161 -8.18 0.07 -28.45
N VAL A 162 -7.63 1.25 -28.74
CA VAL A 162 -6.59 1.37 -29.73
C VAL A 162 -5.39 2.09 -29.13
N ASN A 163 -4.22 1.45 -29.24
CA ASN A 163 -2.95 2.00 -28.78
C ASN A 163 -2.20 2.53 -29.98
N ILE A 164 -1.90 3.84 -29.98
CA ILE A 164 -1.26 4.50 -31.11
C ILE A 164 0.21 4.75 -30.77
N GLY A 165 1.06 4.68 -31.79
CA GLY A 165 2.49 4.84 -31.61
C GLY A 165 3.13 5.55 -32.81
N LYS A 166 4.33 6.06 -32.58
CA LYS A 166 5.11 6.71 -33.64
C LYS A 166 5.84 5.65 -34.47
N THR A 167 5.75 5.80 -35.79
CA THR A 167 6.53 4.98 -36.71
C THR A 167 8.00 5.27 -36.49
N LYS A 168 8.82 4.22 -36.49
CA LYS A 168 10.24 4.32 -36.20
C LYS A 168 10.95 5.19 -37.24
N LYS A 169 10.48 5.17 -38.48
CA LYS A 169 11.17 5.84 -39.57
C LYS A 169 11.01 7.37 -39.47
N THR A 170 9.85 7.83 -39.01
CA THR A 170 9.58 9.25 -38.98
C THR A 170 10.47 9.91 -37.93
N PRO A 171 11.14 11.05 -38.25
CA PRO A 171 11.89 11.80 -37.23
C PRO A 171 11.00 12.40 -36.14
N ALA A 172 11.66 12.97 -35.13
CA ALA A 172 10.96 13.54 -33.98
C ALA A 172 10.10 14.73 -34.40
N GLY A 173 10.60 15.54 -35.35
CA GLY A 173 9.86 16.68 -35.87
C GLY A 173 8.57 16.24 -36.55
N ASP A 174 8.68 15.17 -37.34
CA ASP A 174 7.55 14.64 -38.11
C ASP A 174 6.68 13.72 -37.25
N ALA A 175 7.09 13.45 -36.00
CA ALA A 175 6.38 12.49 -35.17
C ALA A 175 4.97 12.98 -34.82
N VAL A 176 4.83 14.27 -34.51
CA VAL A 176 3.56 14.84 -34.09
C VAL A 176 2.51 14.64 -35.19
N ASN A 177 2.94 14.64 -36.45
CA ASN A 177 2.05 14.43 -37.57
C ASN A 177 1.65 12.95 -37.67
N ASP A 178 2.58 12.05 -37.33
CA ASP A 178 2.31 10.61 -37.35
C ASP A 178 1.24 10.28 -36.32
N TYR A 179 1.46 10.71 -35.07
CA TYR A 179 0.50 10.49 -34.01
C TYR A 179 -0.86 11.08 -34.36
N ARG A 180 -0.86 12.22 -35.06
CA ARG A 180 -2.11 12.86 -35.47
C ARG A 180 -2.76 12.06 -36.59
N ALA A 181 -1.98 11.67 -37.62
CA ALA A 181 -2.52 11.02 -38.81
C ALA A 181 -3.15 9.67 -38.45
N SER A 182 -2.52 8.93 -37.53
CA SER A 182 -3.06 7.65 -37.09
C SER A 182 -4.38 7.86 -36.35
N ALA A 183 -4.47 8.89 -35.52
CA ALA A 183 -5.62 9.10 -34.63
C ALA A 183 -6.91 9.25 -35.42
N ARG A 184 -6.86 9.90 -36.60
CA ARG A 184 -8.07 10.09 -37.39
C ARG A 184 -8.54 8.77 -37.98
N MET A 185 -7.59 7.90 -38.38
CA MET A 185 -7.93 6.67 -39.08
C MET A 185 -8.74 5.75 -38.17
N VAL A 186 -8.23 5.48 -36.96
CA VAL A 186 -8.81 4.49 -36.06
C VAL A 186 -9.74 5.14 -35.02
N GLY A 187 -9.70 6.47 -34.90
CA GLY A 187 -10.40 7.18 -33.84
C GLY A 187 -11.89 6.87 -33.77
N PRO A 188 -12.66 7.09 -34.85
CA PRO A 188 -14.11 6.87 -34.81
C PRO A 188 -14.52 5.44 -34.48
N LEU A 189 -13.71 4.47 -34.91
CA LEU A 189 -14.07 3.06 -34.76
C LEU A 189 -13.58 2.50 -33.43
N ALA A 190 -13.02 3.33 -32.55
CA ALA A 190 -12.47 2.87 -31.29
C ALA A 190 -13.35 3.33 -30.12
N SER A 191 -13.22 2.61 -29.00
CA SER A 191 -13.85 3.00 -27.75
C SER A 191 -12.95 3.98 -26.99
N TYR A 192 -11.63 3.81 -27.08
CA TYR A 192 -10.70 4.73 -26.45
C TYR A 192 -9.35 4.64 -27.14
N LEU A 193 -8.58 5.74 -27.05
CA LEU A 193 -7.26 5.81 -27.67
C LEU A 193 -6.19 5.92 -26.58
N VAL A 194 -5.12 5.14 -26.76
CA VAL A 194 -3.98 5.16 -25.87
C VAL A 194 -2.77 5.62 -26.69
N VAL A 195 -2.07 6.63 -26.16
CA VAL A 195 -0.86 7.15 -26.79
C VAL A 195 0.35 6.50 -26.13
N ASN A 196 1.19 5.83 -26.94
CA ASN A 196 2.30 5.06 -26.44
C ASN A 196 3.58 5.85 -26.65
N VAL A 197 4.09 6.43 -25.56
CA VAL A 197 5.38 7.10 -25.57
C VAL A 197 6.33 6.40 -24.60
N SER A 198 5.97 5.18 -24.16
CA SER A 198 6.62 4.55 -23.02
C SER A 198 7.51 3.36 -23.39
N SER A 199 7.12 2.58 -24.41
CA SER A 199 7.77 1.30 -24.68
C SER A 199 9.22 1.56 -25.10
N PRO A 200 10.23 0.91 -24.47
CA PRO A 200 11.61 1.22 -24.76
C PRO A 200 12.12 0.74 -26.12
N ASN A 201 11.39 -0.19 -26.77
CA ASN A 201 11.93 -0.90 -27.91
C ASN A 201 11.98 -0.04 -29.17
N THR A 202 11.62 1.25 -29.10
CA THR A 202 11.82 2.16 -30.22
C THR A 202 12.74 3.30 -29.79
N PRO A 203 13.83 3.59 -30.55
CA PRO A 203 14.80 4.59 -30.12
C PRO A 203 14.20 6.00 -30.05
N GLY A 204 14.47 6.67 -28.92
CA GLY A 204 14.12 8.06 -28.73
C GLY A 204 12.61 8.29 -28.63
N LEU A 205 11.86 7.28 -28.17
CA LEU A 205 10.43 7.45 -27.96
C LEU A 205 10.13 7.83 -26.51
N ARG A 206 10.85 7.20 -25.56
CA ARG A 206 10.68 7.50 -24.15
C ARG A 206 11.01 8.97 -23.87
N ASP A 207 11.82 9.60 -24.72
CA ASP A 207 12.18 11.01 -24.56
C ASP A 207 10.96 11.91 -24.85
N LEU A 208 10.05 11.45 -25.71
CA LEU A 208 8.87 12.23 -26.05
C LEU A 208 8.00 12.48 -24.82
N GLN A 209 8.15 11.64 -23.78
CA GLN A 209 7.33 11.74 -22.58
C GLN A 209 7.54 13.09 -21.88
N ALA A 210 8.64 13.78 -22.18
CA ALA A 210 8.88 15.13 -21.67
C ALA A 210 7.68 16.00 -22.01
N VAL A 211 7.30 16.87 -21.07
CA VAL A 211 6.01 17.54 -21.14
C VAL A 211 5.93 18.41 -22.40
N GLU A 212 6.98 19.20 -22.67
CA GLU A 212 6.88 20.18 -23.75
C GLU A 212 6.71 19.48 -25.10
N SER A 213 7.28 18.29 -25.28
CA SER A 213 7.12 17.56 -26.53
C SER A 213 5.77 16.85 -26.56
N LEU A 214 5.25 16.46 -25.38
CA LEU A 214 4.03 15.65 -25.32
C LEU A 214 2.80 16.50 -25.64
N ARG A 215 2.81 17.76 -25.20
CA ARG A 215 1.66 18.63 -25.38
C ARG A 215 1.26 18.72 -26.86
N PRO A 216 2.18 19.02 -27.82
CA PRO A 216 1.79 19.02 -29.23
C PRO A 216 1.19 17.71 -29.71
N ILE A 217 1.77 16.58 -29.26
CA ILE A 217 1.27 15.28 -29.65
C ILE A 217 -0.15 15.08 -29.11
N LEU A 218 -0.32 15.32 -27.80
CA LEU A 218 -1.57 14.99 -27.12
C LEU A 218 -2.69 15.92 -27.55
N SER A 219 -2.42 17.24 -27.57
CA SER A 219 -3.42 18.23 -27.94
C SER A 219 -3.93 17.97 -29.36
N ALA A 220 -3.03 17.57 -30.27
CA ALA A 220 -3.40 17.32 -31.66
C ALA A 220 -4.39 16.15 -31.76
N VAL A 221 -4.11 15.08 -30.99
CA VAL A 221 -4.94 13.89 -31.06
C VAL A 221 -6.32 14.17 -30.47
N ARG A 222 -6.38 14.93 -29.38
CA ARG A 222 -7.63 15.24 -28.70
C ARG A 222 -8.59 15.96 -29.67
N ALA A 223 -8.04 16.81 -30.53
CA ALA A 223 -8.87 17.60 -31.44
C ALA A 223 -9.36 16.75 -32.61
N GLU A 224 -8.61 15.71 -32.98
CA GLU A 224 -8.84 15.01 -34.24
C GLU A 224 -10.01 14.03 -34.12
N THR A 225 -10.26 13.51 -32.91
CA THR A 225 -11.34 12.56 -32.71
C THR A 225 -12.00 12.82 -31.35
N SER A 226 -13.29 12.50 -31.27
CA SER A 226 -14.07 12.75 -30.07
C SER A 226 -13.89 11.64 -29.04
N THR A 227 -13.55 10.43 -29.52
CA THR A 227 -13.37 9.30 -28.62
C THR A 227 -12.29 9.66 -27.59
N PRO A 228 -12.48 9.26 -26.32
CA PRO A 228 -11.53 9.62 -25.27
C PRO A 228 -10.13 9.07 -25.54
N VAL A 229 -9.14 9.88 -25.17
CA VAL A 229 -7.75 9.57 -25.45
C VAL A 229 -7.03 9.40 -24.12
N LEU A 230 -6.05 8.50 -24.10
CA LEU A 230 -5.23 8.24 -22.93
C LEU A 230 -3.77 8.24 -23.35
N VAL A 231 -2.89 8.35 -22.35
CA VAL A 231 -1.45 8.30 -22.56
C VAL A 231 -0.84 7.18 -21.72
N LYS A 232 0.14 6.47 -22.30
CA LYS A 232 0.79 5.36 -21.64
C LYS A 232 2.18 5.80 -21.18
N ILE A 233 2.41 5.72 -19.86
CA ILE A 233 3.66 6.14 -19.25
C ILE A 233 4.52 4.92 -18.97
N ALA A 234 5.84 5.16 -18.89
CA ALA A 234 6.81 4.13 -18.55
C ALA A 234 7.05 4.13 -17.04
N PRO A 235 7.34 2.97 -16.42
CA PRO A 235 7.63 2.92 -14.99
C PRO A 235 9.03 3.38 -14.58
N ASP A 236 9.93 3.59 -15.55
CA ASP A 236 11.32 3.92 -15.25
C ASP A 236 11.53 5.43 -15.22
N LEU A 237 10.46 6.20 -15.00
CA LEU A 237 10.53 7.66 -14.98
C LEU A 237 10.55 8.16 -13.55
N SER A 238 11.13 9.35 -13.38
CA SER A 238 11.30 9.93 -12.06
C SER A 238 9.95 10.35 -11.51
N ASP A 239 9.86 10.41 -10.17
CA ASP A 239 8.62 10.72 -9.49
C ASP A 239 8.16 12.14 -9.82
N SER A 240 9.10 13.08 -9.90
CA SER A 240 8.80 14.46 -10.24
C SER A 240 8.26 14.57 -11.67
N ASP A 241 8.81 13.78 -12.60
CA ASP A 241 8.36 13.81 -13.99
C ASP A 241 6.91 13.36 -14.08
N LEU A 242 6.55 12.28 -13.38
CA LEU A 242 5.19 11.75 -13.46
C LEU A 242 4.19 12.77 -12.93
N ASP A 243 4.57 13.56 -11.93
CA ASP A 243 3.70 14.58 -11.39
C ASP A 243 3.49 15.70 -12.41
N ASP A 244 4.46 15.92 -13.29
CA ASP A 244 4.34 16.94 -14.32
C ASP A 244 3.47 16.43 -15.47
N ILE A 245 3.62 15.16 -15.83
CA ILE A 245 2.83 14.57 -16.90
C ILE A 245 1.36 14.50 -16.47
N ALA A 246 1.12 14.25 -15.17
CA ALA A 246 -0.23 14.24 -14.66
C ALA A 246 -0.88 15.62 -14.74
N ASP A 247 -0.08 16.68 -14.56
CA ASP A 247 -0.60 18.03 -14.65
C ASP A 247 -0.91 18.39 -16.11
N LEU A 248 -0.18 17.81 -17.06
CA LEU A 248 -0.47 18.01 -18.47
C LEU A 248 -1.80 17.38 -18.83
N ALA A 249 -2.04 16.15 -18.35
CA ALA A 249 -3.24 15.42 -18.70
C ALA A 249 -4.51 16.15 -18.24
N VAL A 250 -4.50 16.64 -17.00
CA VAL A 250 -5.68 17.29 -16.44
C VAL A 250 -6.00 18.55 -17.24
N GLU A 251 -4.97 19.31 -17.61
CA GLU A 251 -5.13 20.49 -18.45
C GLU A 251 -5.70 20.08 -19.80
N LEU A 252 -5.09 19.07 -20.43
CA LEU A 252 -5.55 18.55 -21.70
C LEU A 252 -6.90 17.82 -21.57
N ASP A 253 -7.36 17.59 -20.33
CA ASP A 253 -8.65 16.97 -20.08
C ASP A 253 -8.69 15.58 -20.70
N LEU A 254 -7.53 14.91 -20.72
CA LEU A 254 -7.44 13.55 -21.23
C LEU A 254 -8.28 12.62 -20.33
N ALA A 255 -8.66 11.47 -20.89
CA ALA A 255 -9.46 10.49 -20.17
C ALA A 255 -8.65 9.86 -19.04
N GLY A 256 -7.53 9.21 -19.38
CA GLY A 256 -6.86 8.36 -18.42
C GLY A 256 -5.35 8.31 -18.64
N ILE A 257 -4.67 7.79 -17.62
CA ILE A 257 -3.25 7.51 -17.67
C ILE A 257 -3.06 6.01 -17.50
N VAL A 258 -2.23 5.43 -18.37
CA VAL A 258 -1.98 4.01 -18.37
C VAL A 258 -0.61 3.73 -17.77
N ALA A 259 -0.58 3.03 -16.63
CA ALA A 259 0.64 2.73 -15.91
C ALA A 259 0.67 1.24 -15.56
N THR A 260 1.74 0.53 -15.98
CA THR A 260 2.89 1.07 -16.66
C THR A 260 3.28 0.17 -17.83
N ASN A 261 4.22 0.65 -18.66
CA ASN A 261 4.76 -0.14 -19.75
C ASN A 261 5.92 -0.98 -19.23
N THR A 262 6.62 -1.69 -20.14
CA THR A 262 7.76 -2.51 -19.77
C THR A 262 8.89 -1.62 -19.25
N THR A 263 9.58 -2.10 -18.21
CA THR A 263 10.68 -1.37 -17.61
C THR A 263 12.01 -1.91 -18.13
N VAL A 264 13.00 -1.02 -18.23
CA VAL A 264 14.31 -1.37 -18.76
C VAL A 264 15.14 -2.05 -17.66
N SER A 265 14.90 -1.70 -16.39
CA SER A 265 15.71 -2.19 -15.29
C SER A 265 15.73 -3.72 -15.26
N ARG A 266 16.90 -4.29 -14.94
CA ARG A 266 17.06 -5.75 -14.84
C ARG A 266 17.16 -6.21 -13.39
N ASP A 267 16.84 -5.33 -12.42
CA ASP A 267 17.03 -5.65 -11.02
C ASP A 267 15.90 -6.54 -10.49
N GLY A 268 16.29 -7.55 -9.69
CA GLY A 268 15.33 -8.40 -9.00
C GLY A 268 15.08 -9.72 -9.73
N LEU A 269 15.67 -9.93 -10.90
CA LEU A 269 15.35 -11.09 -11.72
C LEU A 269 15.88 -12.37 -11.09
N THR A 270 15.17 -13.48 -11.34
CA THR A 270 15.52 -14.76 -10.75
C THR A 270 15.72 -15.85 -11.80
N THR A 271 15.84 -15.48 -13.08
CA THR A 271 16.11 -16.44 -14.13
C THR A 271 17.49 -16.17 -14.72
N PRO A 272 18.38 -17.19 -14.78
CA PRO A 272 19.80 -16.94 -15.11
C PRO A 272 20.05 -16.49 -16.55
N GLY A 273 21.22 -15.87 -16.77
CA GLY A 273 21.65 -15.49 -18.10
C GLY A 273 20.94 -14.24 -18.63
N VAL A 274 20.61 -13.32 -17.73
CA VAL A 274 19.85 -12.14 -18.09
C VAL A 274 20.74 -11.17 -18.86
N ASP A 275 22.01 -11.08 -18.48
CA ASP A 275 22.91 -10.05 -19.00
C ASP A 275 23.06 -10.17 -20.52
N ARG A 276 23.22 -11.41 -21.00
CA ARG A 276 23.47 -11.62 -22.41
C ARG A 276 22.28 -11.19 -23.25
N LEU A 277 21.05 -11.44 -22.76
CA LEU A 277 19.84 -11.30 -23.57
C LEU A 277 19.79 -9.94 -24.27
N GLY A 278 20.31 -8.91 -23.59
CA GLY A 278 20.53 -7.62 -24.24
C GLY A 278 19.37 -6.65 -24.05
N PRO A 279 19.18 -5.70 -24.99
CA PRO A 279 18.18 -4.65 -24.84
C PRO A 279 16.75 -5.19 -24.86
N GLY A 280 15.89 -4.54 -24.08
CA GLY A 280 14.50 -4.91 -23.98
C GLY A 280 13.87 -4.36 -22.72
N GLY A 281 12.56 -4.58 -22.58
CA GLY A 281 11.83 -4.21 -21.39
C GLY A 281 11.25 -5.44 -20.71
N ILE A 282 11.69 -5.72 -19.48
CA ILE A 282 11.19 -6.86 -18.74
C ILE A 282 9.78 -6.52 -18.23
N SER A 283 8.91 -7.53 -18.25
CA SER A 283 7.52 -7.37 -17.87
C SER A 283 7.11 -8.51 -16.94
N GLY A 284 6.18 -8.24 -16.04
CA GLY A 284 5.64 -9.28 -15.17
C GLY A 284 5.80 -8.94 -13.68
N PRO A 285 5.94 -9.97 -12.82
CA PRO A 285 5.95 -9.79 -11.37
C PRO A 285 7.01 -8.81 -10.85
N PRO A 286 8.25 -8.75 -11.41
CA PRO A 286 9.20 -7.72 -10.98
C PRO A 286 8.68 -6.29 -11.15
N LEU A 287 7.91 -6.05 -12.23
CA LEU A 287 7.41 -4.72 -12.54
C LEU A 287 6.33 -4.28 -11.54
N ALA A 288 5.68 -5.24 -10.86
CA ALA A 288 4.46 -4.97 -10.10
C ALA A 288 4.68 -3.88 -9.05
N GLN A 289 5.78 -3.95 -8.31
CA GLN A 289 6.03 -3.05 -7.20
C GLN A 289 6.11 -1.61 -7.68
N ARG A 290 6.63 -1.39 -8.89
CA ARG A 290 6.72 -0.05 -9.45
C ARG A 290 5.33 0.41 -9.92
N ALA A 291 4.58 -0.49 -10.56
CA ALA A 291 3.29 -0.12 -11.11
C ALA A 291 2.31 0.27 -10.02
N VAL A 292 2.41 -0.36 -8.83
CA VAL A 292 1.58 0.00 -7.71
C VAL A 292 1.98 1.38 -7.20
N GLN A 293 3.28 1.61 -6.99
CA GLN A 293 3.79 2.88 -6.49
C GLN A 293 3.35 4.00 -7.43
N VAL A 294 3.51 3.79 -8.73
CA VAL A 294 3.08 4.76 -9.73
C VAL A 294 1.58 5.01 -9.56
N LEU A 295 0.81 3.92 -9.48
CA LEU A 295 -0.63 4.03 -9.34
C LEU A 295 -0.98 4.77 -8.05
N ARG A 296 -0.26 4.51 -6.97
CA ARG A 296 -0.53 5.18 -5.70
C ARG A 296 -0.36 6.69 -5.85
N ARG A 297 0.80 7.10 -6.39
CA ARG A 297 1.11 8.51 -6.55
C ARG A 297 0.09 9.18 -7.48
N LEU A 298 -0.12 8.59 -8.65
CA LEU A 298 -0.97 9.19 -9.66
C LEU A 298 -2.40 9.38 -9.16
N TYR A 299 -2.89 8.43 -8.36
CA TYR A 299 -4.28 8.47 -7.93
C TYR A 299 -4.52 9.57 -6.91
N ASP A 300 -3.50 9.89 -6.11
CA ASP A 300 -3.62 10.95 -5.12
C ASP A 300 -3.69 12.31 -5.78
N ARG A 301 -2.89 12.51 -6.85
CA ARG A 301 -2.81 13.80 -7.52
C ARG A 301 -4.03 14.01 -8.43
N VAL A 302 -4.14 13.20 -9.49
CA VAL A 302 -5.14 13.43 -10.53
C VAL A 302 -6.16 12.31 -10.52
N GLY A 303 -6.53 11.84 -9.33
CA GLY A 303 -7.46 10.74 -9.23
C GLY A 303 -8.86 11.12 -9.70
N ASP A 304 -9.34 12.28 -9.24
CA ASP A 304 -10.68 12.72 -9.52
C ASP A 304 -10.80 13.26 -10.94
N ARG A 305 -9.74 13.92 -11.43
CA ARG A 305 -9.83 14.61 -12.70
C ARG A 305 -9.79 13.64 -13.87
N LEU A 306 -9.10 12.50 -13.70
CA LEU A 306 -8.94 11.55 -14.80
C LEU A 306 -8.94 10.12 -14.25
N ALA A 307 -9.28 9.18 -15.12
CA ALA A 307 -9.31 7.77 -14.78
C ALA A 307 -7.89 7.23 -14.77
N LEU A 308 -7.69 6.14 -14.02
CA LEU A 308 -6.42 5.44 -13.99
C LEU A 308 -6.65 3.97 -14.34
N ILE A 309 -5.80 3.46 -15.23
CA ILE A 309 -5.75 2.04 -15.55
C ILE A 309 -4.37 1.52 -15.15
N SER A 310 -4.36 0.49 -14.30
CA SER A 310 -3.11 -0.11 -13.84
C SER A 310 -2.81 -1.33 -14.71
N VAL A 311 -1.63 -1.32 -15.34
CA VAL A 311 -1.20 -2.40 -16.20
C VAL A 311 0.23 -2.76 -15.82
N GLY A 312 0.57 -4.04 -15.95
CA GLY A 312 1.91 -4.53 -15.68
C GLY A 312 1.95 -5.32 -14.37
N GLY A 313 2.30 -6.60 -14.49
CA GLY A 313 2.53 -7.46 -13.33
C GLY A 313 1.28 -7.72 -12.50
N ILE A 314 0.18 -8.08 -13.18
CA ILE A 314 -1.02 -8.51 -12.48
C ILE A 314 -1.24 -9.99 -12.79
N GLU A 315 -1.29 -10.83 -11.74
CA GLU A 315 -1.37 -12.27 -11.92
C GLU A 315 -2.38 -12.94 -10.99
N THR A 316 -2.72 -12.34 -9.85
CA THR A 316 -3.64 -12.97 -8.91
C THR A 316 -4.75 -11.99 -8.51
N ALA A 317 -5.80 -12.52 -7.87
CA ALA A 317 -6.95 -11.73 -7.46
C ALA A 317 -6.60 -10.76 -6.34
N ASP A 318 -5.73 -11.19 -5.41
CA ASP A 318 -5.31 -10.33 -4.31
C ASP A 318 -4.37 -9.25 -4.83
N ASP A 319 -3.58 -9.55 -5.88
CA ASP A 319 -2.78 -8.53 -6.54
C ASP A 319 -3.69 -7.50 -7.21
N ALA A 320 -4.69 -7.97 -7.96
CA ALA A 320 -5.65 -7.07 -8.61
C ALA A 320 -6.44 -6.27 -7.57
N TRP A 321 -6.74 -6.90 -6.42
CA TRP A 321 -7.50 -6.23 -5.38
C TRP A 321 -6.71 -5.04 -4.82
N GLU A 322 -5.38 -5.17 -4.71
CA GLU A 322 -4.55 -4.07 -4.24
C GLU A 322 -4.50 -2.94 -5.28
N ARG A 323 -4.75 -3.27 -6.56
CA ARG A 323 -4.78 -2.26 -7.60
C ARG A 323 -6.11 -1.51 -7.59
N ILE A 324 -7.21 -2.23 -7.45
CA ILE A 324 -8.53 -1.62 -7.48
C ILE A 324 -8.69 -0.69 -6.29
N THR A 325 -8.22 -1.12 -5.12
CA THR A 325 -8.30 -0.34 -3.90
C THR A 325 -7.33 0.84 -3.93
N ALA A 326 -6.38 0.83 -4.87
CA ALA A 326 -5.45 1.94 -5.03
C ALA A 326 -5.91 2.91 -6.11
N GLY A 327 -7.10 2.69 -6.70
CA GLY A 327 -7.72 3.65 -7.59
C GLY A 327 -7.58 3.31 -9.07
N ALA A 328 -7.25 2.06 -9.38
CA ALA A 328 -7.20 1.61 -10.76
C ALA A 328 -8.62 1.27 -11.22
N SER A 329 -9.23 2.19 -11.99
CA SER A 329 -10.57 1.97 -12.51
C SER A 329 -10.61 0.76 -13.43
N LEU A 330 -9.50 0.49 -14.15
CA LEU A 330 -9.39 -0.65 -15.05
C LEU A 330 -8.04 -1.34 -14.88
N LEU A 331 -7.97 -2.60 -15.31
CA LEU A 331 -6.77 -3.41 -15.16
C LEU A 331 -6.52 -4.20 -16.44
N GLN A 332 -5.31 -4.08 -16.99
CA GLN A 332 -4.89 -4.90 -18.10
C GLN A 332 -3.58 -5.59 -17.75
N GLY A 333 -3.32 -6.72 -18.38
CA GLY A 333 -2.09 -7.46 -18.16
C GLY A 333 -1.78 -8.36 -19.34
N TYR A 334 -0.50 -8.63 -19.58
CA TYR A 334 -0.06 -9.50 -20.65
C TYR A 334 0.52 -10.80 -20.10
N THR A 335 1.46 -10.68 -19.15
CA THR A 335 2.27 -11.81 -18.73
C THR A 335 1.38 -12.90 -18.14
N GLY A 336 0.39 -12.50 -17.34
CA GLY A 336 -0.46 -13.43 -16.62
C GLY A 336 -1.07 -14.50 -17.52
N PHE A 337 -1.48 -14.10 -18.73
CA PHE A 337 -2.17 -15.01 -19.64
C PHE A 337 -1.26 -16.17 -20.06
N ILE A 338 0.00 -15.87 -20.41
CA ILE A 338 0.93 -16.89 -20.89
C ILE A 338 1.08 -17.97 -19.82
N TYR A 339 1.27 -17.58 -18.55
CA TYR A 339 1.48 -18.54 -17.48
C TYR A 339 0.15 -19.03 -16.88
N GLY A 340 -0.85 -18.16 -16.80
CA GLY A 340 -2.09 -18.48 -16.09
C GLY A 340 -2.95 -19.52 -16.81
N GLY A 341 -3.24 -19.27 -18.09
CA GLY A 341 -4.12 -20.13 -18.87
C GLY A 341 -5.51 -19.54 -19.05
N GLU A 342 -6.47 -20.38 -19.46
CA GLU A 342 -7.76 -19.89 -19.93
C GLU A 342 -8.60 -19.46 -18.74
N ARG A 343 -8.53 -20.23 -17.64
CA ARG A 343 -9.29 -19.92 -16.45
C ARG A 343 -8.84 -18.59 -15.85
N TRP A 344 -7.56 -18.25 -16.03
CA TRP A 344 -6.96 -17.13 -15.31
C TRP A 344 -7.81 -15.85 -15.39
N ALA A 345 -8.31 -15.53 -16.58
CA ALA A 345 -9.15 -14.34 -16.75
C ALA A 345 -10.32 -14.37 -15.78
N LYS A 346 -11.01 -15.52 -15.70
CA LYS A 346 -12.25 -15.62 -14.94
C LYS A 346 -11.98 -15.63 -13.44
N ASP A 347 -10.93 -16.35 -13.00
CA ASP A 347 -10.65 -16.49 -11.58
C ASP A 347 -10.38 -15.13 -10.94
N ILE A 348 -9.78 -14.20 -11.70
CA ILE A 348 -9.57 -12.84 -11.23
C ILE A 348 -10.92 -12.17 -10.97
N HIS A 349 -11.83 -12.30 -11.94
CA HIS A 349 -13.13 -11.65 -11.85
C HIS A 349 -13.89 -12.14 -10.62
N GLU A 350 -14.06 -13.45 -10.51
CA GLU A 350 -14.79 -14.03 -9.38
C GLU A 350 -14.09 -13.70 -8.06
N GLY A 351 -12.74 -13.65 -8.06
CA GLY A 351 -11.98 -13.28 -6.89
C GLY A 351 -12.28 -11.84 -6.46
N ILE A 352 -12.34 -10.93 -7.44
CA ILE A 352 -12.70 -9.55 -7.16
C ILE A 352 -14.16 -9.48 -6.75
N ALA A 353 -15.02 -10.20 -7.47
CA ALA A 353 -16.45 -10.23 -7.17
C ALA A 353 -16.69 -10.68 -5.74
N ARG A 354 -15.85 -11.62 -5.26
CA ARG A 354 -15.96 -12.10 -3.89
C ARG A 354 -15.63 -10.97 -2.93
N ARG A 355 -14.52 -10.27 -3.19
CA ARG A 355 -14.08 -9.19 -2.33
C ARG A 355 -15.11 -8.06 -2.30
N LEU A 356 -15.81 -7.83 -3.42
CA LEU A 356 -16.85 -6.81 -3.47
C LEU A 356 -18.04 -7.18 -2.61
N HIS A 357 -18.46 -8.45 -2.64
CA HIS A 357 -19.51 -8.92 -1.76
C HIS A 357 -19.04 -8.93 -0.30
N ASP A 358 -17.76 -9.30 -0.08
CA ASP A 358 -17.19 -9.33 1.26
C ASP A 358 -17.00 -7.92 1.82
N GLY A 359 -16.86 -6.91 0.96
CA GLY A 359 -16.75 -5.53 1.42
C GLY A 359 -18.12 -4.81 1.51
N GLY A 360 -19.19 -5.50 1.10
CA GLY A 360 -20.52 -4.92 1.10
C GLY A 360 -20.75 -3.95 -0.06
N PHE A 361 -19.83 -3.92 -1.04
CA PHE A 361 -19.94 -3.00 -2.16
C PHE A 361 -21.04 -3.45 -3.11
N GLY A 362 -21.58 -2.48 -3.86
CA GLY A 362 -22.69 -2.71 -4.78
C GLY A 362 -22.23 -2.75 -6.25
N SER A 363 -21.16 -2.01 -6.55
CA SER A 363 -20.57 -1.97 -7.88
C SER A 363 -19.06 -1.89 -7.77
N LEU A 364 -18.39 -1.56 -8.89
CA LEU A 364 -16.94 -1.52 -8.92
C LEU A 364 -16.44 -0.13 -8.54
N HIS A 365 -17.07 0.93 -9.09
CA HIS A 365 -16.65 2.30 -8.84
C HIS A 365 -16.57 2.57 -7.33
N GLU A 366 -17.45 1.92 -6.56
CA GLU A 366 -17.51 2.13 -5.13
C GLU A 366 -16.19 1.72 -4.48
N ALA A 367 -15.75 0.49 -4.76
CA ALA A 367 -14.53 -0.03 -4.15
C ALA A 367 -13.27 0.66 -4.68
N VAL A 368 -13.35 1.36 -5.82
CA VAL A 368 -12.17 1.98 -6.40
C VAL A 368 -11.64 3.02 -5.44
N GLY A 369 -10.38 2.88 -5.02
CA GLY A 369 -9.73 3.86 -4.16
C GLY A 369 -10.20 3.80 -2.71
N SER A 370 -10.65 2.63 -2.25
CA SER A 370 -11.09 2.49 -0.86
C SER A 370 -9.90 2.49 0.10
N ALA A 371 -8.79 1.84 -0.31
CA ALA A 371 -7.59 1.79 0.50
C ALA A 371 -6.99 3.17 0.66
N ARG A 372 -7.24 4.05 -0.33
CA ARG A 372 -6.66 5.38 -0.35
C ARG A 372 -7.52 6.40 0.39
N ARG A 373 -8.85 6.32 0.22
CA ARG A 373 -9.74 7.30 0.84
C ARG A 373 -9.73 7.14 2.36
N ARG A 374 -9.69 5.89 2.84
CA ARG A 374 -9.76 5.64 4.26
C ARG A 374 -8.54 6.20 4.98
N GLN A 375 -7.49 6.54 4.23
CA GLN A 375 -6.27 7.10 4.80
C GLN A 375 -6.55 8.49 5.37
N PRO B 23 -14.83 -11.71 29.99
CA PRO B 23 -16.25 -12.05 30.13
C PRO B 23 -16.93 -11.32 31.28
N LEU B 24 -17.01 -11.96 32.46
CA LEU B 24 -17.79 -11.42 33.58
C LEU B 24 -17.09 -10.20 34.19
N VAL B 25 -15.76 -10.24 34.30
CA VAL B 25 -15.04 -9.10 34.85
C VAL B 25 -15.23 -7.91 33.92
N ARG B 26 -15.15 -8.12 32.60
CA ARG B 26 -15.31 -7.04 31.64
C ARG B 26 -16.70 -6.40 31.82
N ARG B 27 -17.72 -7.24 32.03
CA ARG B 27 -19.09 -6.74 32.19
C ARG B 27 -19.22 -5.85 33.41
N LEU B 28 -18.54 -6.18 34.50
CA LEU B 28 -18.60 -5.32 35.68
C LEU B 28 -17.80 -4.03 35.46
N LEU B 29 -16.68 -4.10 34.72
CA LEU B 29 -15.81 -2.94 34.59
C LEU B 29 -16.36 -1.95 33.56
N PHE B 30 -17.13 -2.42 32.58
CA PHE B 30 -17.63 -1.54 31.54
C PHE B 30 -18.73 -0.62 32.08
N LEU B 31 -19.33 -0.99 33.22
CA LEU B 31 -20.37 -0.17 33.83
C LEU B 31 -19.76 0.99 34.62
N ILE B 32 -18.65 0.74 35.32
CA ILE B 32 -17.97 1.78 36.07
C ILE B 32 -17.39 2.76 35.06
N PRO B 33 -17.21 4.08 35.36
CA PRO B 33 -16.59 5.00 34.42
C PRO B 33 -15.24 4.48 33.92
N PRO B 34 -14.92 4.69 32.62
CA PRO B 34 -13.75 4.07 32.01
C PRO B 34 -12.43 4.42 32.68
N GLU B 35 -12.31 5.63 33.24
CA GLU B 35 -11.08 6.05 33.87
C GLU B 35 -10.88 5.29 35.19
N HIS B 36 -11.96 5.12 35.96
CA HIS B 36 -11.86 4.45 37.25
C HIS B 36 -11.46 2.99 37.05
N ALA B 37 -11.91 2.36 35.97
CA ALA B 37 -11.58 0.97 35.69
C ALA B 37 -10.06 0.81 35.57
N HIS B 38 -9.41 1.74 34.87
CA HIS B 38 -7.96 1.68 34.70
C HIS B 38 -7.26 1.78 36.07
N LYS B 39 -7.70 2.73 36.90
CA LYS B 39 -7.06 2.96 38.19
C LYS B 39 -7.09 1.70 39.05
N LEU B 40 -8.22 0.99 39.07
CA LEU B 40 -8.33 -0.22 39.89
C LEU B 40 -7.57 -1.38 39.24
N VAL B 41 -7.72 -1.56 37.93
CA VAL B 41 -7.01 -2.62 37.20
C VAL B 41 -5.50 -2.44 37.38
N PHE B 42 -5.03 -1.19 37.28
CA PHE B 42 -3.61 -0.91 37.44
C PHE B 42 -3.13 -1.28 38.84
N ALA B 43 -3.92 -0.90 39.86
CA ALA B 43 -3.57 -1.18 41.25
C ALA B 43 -3.32 -2.68 41.45
N VAL B 44 -4.14 -3.52 40.82
CA VAL B 44 -4.01 -4.97 41.00
C VAL B 44 -2.71 -5.46 40.35
N LEU B 45 -2.33 -4.87 39.21
CA LEU B 45 -1.08 -5.22 38.56
C LEU B 45 0.12 -4.70 39.36
N ARG B 46 -0.09 -3.65 40.17
CA ARG B 46 0.96 -3.13 41.04
C ARG B 46 1.26 -4.13 42.16
N GLY B 47 0.25 -4.90 42.58
CA GLY B 47 0.42 -5.89 43.64
C GLY B 47 1.02 -7.20 43.13
N VAL B 48 0.75 -7.58 41.87
CA VAL B 48 1.31 -8.81 41.33
C VAL B 48 2.80 -8.62 41.08
N ALA B 49 3.22 -7.38 40.82
CA ALA B 49 4.63 -7.07 40.67
C ALA B 49 5.32 -6.95 42.03
N ALA B 50 4.56 -6.81 43.13
CA ALA B 50 5.14 -6.70 44.46
C ALA B 50 5.62 -8.08 44.94
N VAL B 51 4.82 -9.12 44.73
CA VAL B 51 5.19 -10.46 45.12
C VAL B 51 5.75 -11.18 43.90
N ALA B 52 7.01 -11.62 44.01
CA ALA B 52 7.77 -12.17 42.89
C ALA B 52 7.25 -13.55 42.49
N PRO B 53 7.00 -14.48 43.44
CA PRO B 53 6.54 -15.82 43.07
C PRO B 53 5.26 -15.84 42.26
N VAL B 54 4.24 -15.08 42.67
CA VAL B 54 2.99 -15.03 41.93
C VAL B 54 3.22 -14.41 40.56
N ARG B 55 4.05 -13.36 40.52
CA ARG B 55 4.46 -12.76 39.26
C ARG B 55 5.11 -13.82 38.36
N ARG B 56 6.05 -14.59 38.93
CA ARG B 56 6.67 -15.70 38.24
C ARG B 56 5.60 -16.74 37.88
N LEU B 57 4.71 -17.04 38.83
CA LEU B 57 3.68 -18.04 38.60
C LEU B 57 2.72 -17.57 37.50
N LEU B 58 2.32 -16.29 37.56
CA LEU B 58 1.52 -15.68 36.50
C LEU B 58 2.25 -15.83 35.18
N ARG B 59 3.58 -15.68 35.22
CA ARG B 59 4.41 -15.93 34.05
C ARG B 59 4.50 -17.44 33.78
N ARG B 60 4.57 -18.27 34.83
CA ARG B 60 4.70 -19.71 34.66
C ARG B 60 3.43 -20.33 34.07
N LEU B 61 2.33 -19.57 34.03
CA LEU B 61 1.11 -20.05 33.36
C LEU B 61 1.05 -19.62 31.90
N LEU B 62 1.87 -18.64 31.51
CA LEU B 62 2.07 -18.29 30.11
C LEU B 62 3.55 -18.04 29.84
N GLY B 63 4.38 -19.03 30.20
CA GLY B 63 5.83 -18.91 30.20
C GLY B 63 6.49 -19.17 28.84
N PRO B 64 6.27 -20.33 28.20
CA PRO B 64 7.04 -20.69 27.00
C PRO B 64 6.73 -19.80 25.80
N THR B 65 7.65 -18.87 25.51
CA THR B 65 7.58 -18.04 24.32
C THR B 65 8.60 -18.56 23.30
N ASP B 66 8.12 -18.89 22.09
CA ASP B 66 8.95 -19.53 21.09
C ASP B 66 10.08 -18.59 20.67
N PRO B 67 11.33 -19.07 20.52
CA PRO B 67 12.45 -18.19 20.23
C PRO B 67 12.40 -17.42 18.91
N VAL B 68 11.60 -17.88 17.94
CA VAL B 68 11.49 -17.18 16.67
C VAL B 68 10.85 -15.80 16.86
N LEU B 69 9.85 -15.71 17.75
CA LEU B 69 9.20 -14.44 18.05
C LEU B 69 10.25 -13.42 18.49
N ALA B 70 11.27 -13.90 19.20
CA ALA B 70 12.34 -13.03 19.67
C ALA B 70 13.15 -12.51 18.48
N SER B 71 13.53 -11.24 18.55
CA SER B 71 14.40 -10.65 17.54
C SER B 71 15.23 -9.55 18.16
N THR B 72 16.38 -9.26 17.54
CA THR B 72 17.24 -8.15 17.94
C THR B 72 17.18 -7.06 16.88
N VAL B 73 16.82 -5.83 17.29
CA VAL B 73 16.61 -4.73 16.36
C VAL B 73 17.29 -3.48 16.94
N PHE B 74 17.93 -2.71 16.04
CA PHE B 74 18.65 -1.49 16.36
C PHE B 74 19.51 -1.63 17.62
N GLY B 75 20.14 -2.79 17.78
CA GLY B 75 21.08 -3.03 18.87
C GLY B 75 20.41 -3.33 20.21
N VAL B 76 19.11 -3.65 20.18
CA VAL B 76 18.37 -4.06 21.37
C VAL B 76 17.65 -5.36 21.04
N ARG B 77 17.77 -6.33 21.95
CA ARG B 77 17.14 -7.63 21.75
C ARG B 77 15.75 -7.61 22.39
N PHE B 78 14.82 -8.37 21.79
CA PHE B 78 13.43 -8.35 22.18
C PHE B 78 12.91 -9.77 22.27
N PRO B 79 12.44 -10.24 23.45
CA PRO B 79 11.85 -11.58 23.56
C PRO B 79 10.65 -11.84 22.67
N ALA B 80 9.90 -10.78 22.34
CA ALA B 80 8.71 -10.93 21.51
C ALA B 80 8.44 -9.62 20.78
N PRO B 81 7.73 -9.66 19.63
CA PRO B 81 7.43 -8.43 18.87
C PRO B 81 6.26 -7.62 19.38
N LEU B 82 5.36 -8.25 20.15
CA LEU B 82 4.20 -7.56 20.68
C LEU B 82 4.54 -6.95 22.04
N GLY B 83 4.13 -5.70 22.22
CA GLY B 83 4.44 -4.98 23.45
C GLY B 83 3.28 -4.10 23.90
N LEU B 84 3.42 -3.55 25.10
CA LEU B 84 2.43 -2.63 25.63
C LEU B 84 2.68 -1.24 25.08
N ALA B 85 1.61 -0.63 24.53
CA ALA B 85 1.72 0.68 23.93
C ALA B 85 1.79 1.73 25.03
N ALA B 86 2.46 2.84 24.72
CA ALA B 86 2.57 3.92 25.67
C ALA B 86 1.18 4.50 25.96
N GLY B 87 1.05 5.13 27.12
CA GLY B 87 -0.23 5.69 27.52
C GLY B 87 -0.91 4.86 28.60
N PHE B 88 -0.43 3.62 28.78
CA PHE B 88 -0.98 2.72 29.77
C PHE B 88 -0.36 3.04 31.14
N ASP B 89 0.98 2.98 31.19
CA ASP B 89 1.71 3.40 32.37
C ASP B 89 2.49 4.66 32.00
N LYS B 90 1.96 5.81 32.41
CA LYS B 90 2.58 7.09 32.09
C LYS B 90 3.71 7.38 33.08
N ASP B 91 3.54 6.96 34.33
CA ASP B 91 4.47 7.33 35.40
C ASP B 91 5.43 6.19 35.74
N GLY B 92 5.23 5.01 35.14
CA GLY B 92 6.13 3.88 35.36
C GLY B 92 5.95 3.24 36.74
N THR B 93 4.70 2.96 37.10
CA THR B 93 4.38 2.53 38.45
C THR B 93 4.42 1.00 38.61
N ALA B 94 4.00 0.25 37.59
CA ALA B 94 3.88 -1.20 37.74
C ALA B 94 4.77 -1.93 36.73
N LEU B 95 6.04 -1.53 36.63
CA LEU B 95 6.91 -1.97 35.55
C LEU B 95 7.03 -3.49 35.50
N SER B 96 7.15 -4.15 36.65
CA SER B 96 7.48 -5.57 36.65
C SER B 96 6.34 -6.45 36.13
N SER B 97 5.08 -5.99 36.23
CA SER B 97 3.93 -6.83 35.96
C SER B 97 3.81 -7.23 34.48
N TRP B 98 4.27 -6.36 33.56
CA TRP B 98 3.98 -6.56 32.14
C TRP B 98 4.83 -7.65 31.50
N GLY B 99 6.01 -7.94 32.08
CA GLY B 99 6.75 -9.13 31.70
C GLY B 99 5.95 -10.39 32.00
N ALA B 100 5.27 -10.39 33.15
CA ALA B 100 4.39 -11.50 33.52
C ALA B 100 3.16 -11.54 32.63
N MET B 101 2.76 -10.39 32.07
CA MET B 101 1.62 -10.34 31.16
C MET B 101 1.98 -10.99 29.82
N GLY B 102 3.27 -11.00 29.47
CA GLY B 102 3.73 -11.69 28.27
C GLY B 102 3.99 -10.77 27.08
N PHE B 103 4.04 -9.44 27.32
CA PHE B 103 4.47 -8.52 26.27
C PHE B 103 5.99 -8.59 26.14
N GLY B 104 6.46 -8.51 24.89
CA GLY B 104 7.88 -8.53 24.60
C GLY B 104 8.61 -7.30 25.15
N TYR B 105 8.05 -6.11 24.89
CA TYR B 105 8.66 -4.86 25.34
C TYR B 105 7.58 -3.99 25.95
N ALA B 106 8.01 -3.03 26.78
CA ALA B 106 7.11 -2.09 27.40
C ALA B 106 7.57 -0.66 27.09
N GLU B 107 6.62 0.28 27.03
CA GLU B 107 6.94 1.67 26.79
C GLU B 107 6.18 2.52 27.80
N ILE B 108 6.94 3.20 28.66
CA ILE B 108 6.36 4.14 29.61
C ILE B 108 6.19 5.48 28.91
N GLY B 109 5.11 6.18 29.27
CA GLY B 109 4.78 7.43 28.62
C GLY B 109 3.28 7.65 28.48
N THR B 110 2.88 8.85 28.01
CA THR B 110 3.79 9.92 27.66
C THR B 110 4.19 10.71 28.90
N VAL B 111 5.48 11.07 28.98
CA VAL B 111 6.01 11.81 30.11
C VAL B 111 6.58 13.13 29.60
N THR B 112 6.30 14.20 30.35
CA THR B 112 6.85 15.52 30.08
C THR B 112 7.88 15.84 31.15
N ALA B 113 8.89 16.64 30.77
CA ALA B 113 10.01 16.95 31.64
C ALA B 113 9.52 17.52 32.96
N HIS B 114 8.74 18.61 32.90
CA HIS B 114 8.25 19.23 34.12
C HIS B 114 6.93 18.57 34.50
N PRO B 115 6.73 18.23 35.79
CA PRO B 115 5.50 17.56 36.23
C PRO B 115 4.25 18.37 35.87
N GLN B 116 3.27 17.70 35.26
CA GLN B 116 2.04 18.33 34.79
C GLN B 116 0.84 17.71 35.49
N PRO B 117 -0.16 18.51 35.93
CA PRO B 117 -1.39 17.96 36.50
C PRO B 117 -2.21 17.20 35.46
N GLY B 118 -2.40 17.83 34.29
CA GLY B 118 -3.03 17.15 33.16
C GLY B 118 -4.36 17.79 32.80
N ASN B 119 -5.09 17.12 31.89
CA ASN B 119 -6.37 17.58 31.41
C ASN B 119 -7.44 17.42 32.49
N PRO B 120 -8.53 18.22 32.44
CA PRO B 120 -9.62 18.09 33.41
C PRO B 120 -10.31 16.73 33.42
N ALA B 121 -11.28 16.54 34.33
CA ALA B 121 -11.75 15.22 34.75
C ALA B 121 -12.38 14.42 33.59
N PRO B 122 -13.45 14.87 32.90
CA PRO B 122 -14.13 13.98 31.94
C PRO B 122 -13.36 13.83 30.63
N ARG B 123 -12.26 13.06 30.69
CA ARG B 123 -11.31 12.99 29.58
C ARG B 123 -11.30 11.64 28.88
N LEU B 124 -12.09 10.67 29.36
CA LEU B 124 -12.06 9.33 28.79
C LEU B 124 -13.49 8.85 28.52
N PHE B 125 -13.68 8.25 27.33
CA PHE B 125 -14.96 7.72 26.91
C PHE B 125 -14.78 6.35 26.28
N ARG B 126 -15.85 5.54 26.34
CA ARG B 126 -15.87 4.21 25.72
C ARG B 126 -16.76 4.22 24.49
N LEU B 127 -16.41 3.36 23.52
CA LEU B 127 -17.24 3.10 22.35
C LEU B 127 -17.41 1.59 22.24
N ALA B 128 -18.52 1.09 22.80
CA ALA B 128 -18.73 -0.33 22.96
C ALA B 128 -18.71 -1.05 21.62
N ASP B 129 -19.61 -0.63 20.72
CA ASP B 129 -19.85 -1.35 19.46
C ASP B 129 -18.61 -1.29 18.57
N ASP B 130 -17.92 -0.14 18.56
CA ASP B 130 -16.73 0.03 17.74
C ASP B 130 -15.54 -0.69 18.35
N ARG B 131 -15.64 -1.14 19.61
CA ARG B 131 -14.50 -1.69 20.34
C ARG B 131 -13.37 -0.67 20.32
N ALA B 132 -13.76 0.60 20.50
CA ALA B 132 -12.87 1.73 20.38
C ALA B 132 -12.96 2.59 21.64
N LEU B 133 -11.94 3.42 21.85
CA LEU B 133 -11.90 4.33 22.99
C LEU B 133 -11.54 5.74 22.51
N LEU B 134 -11.97 6.73 23.28
CA LEU B 134 -11.66 8.13 23.04
C LEU B 134 -10.96 8.71 24.26
N ASN B 135 -9.86 9.42 24.04
CA ASN B 135 -9.06 9.98 25.11
C ASN B 135 -8.97 11.49 24.97
N ARG B 136 -9.06 12.18 26.11
CA ARG B 136 -8.74 13.58 26.23
C ARG B 136 -7.71 13.77 27.34
N MET B 137 -6.77 12.83 27.46
CA MET B 137 -5.95 12.75 28.65
C MET B 137 -4.87 13.85 28.66
N GLY B 138 -4.22 14.05 27.51
CA GLY B 138 -3.32 15.19 27.32
C GLY B 138 -2.09 15.14 28.21
N PHE B 139 -1.41 13.99 28.23
CA PHE B 139 -0.07 13.86 28.79
C PHE B 139 -0.06 14.24 30.27
N ASN B 140 -0.99 13.68 31.04
CA ASN B 140 -0.92 13.80 32.48
C ASN B 140 0.19 12.88 32.98
N ASN B 141 1.09 13.40 33.81
CA ASN B 141 2.26 12.65 34.24
C ASN B 141 2.77 13.19 35.58
N HIS B 142 3.66 12.41 36.21
CA HIS B 142 4.30 12.80 37.45
C HIS B 142 5.66 13.44 37.21
N GLY B 143 6.03 13.59 35.92
CA GLY B 143 7.31 14.19 35.56
C GLY B 143 8.37 13.15 35.25
N ALA B 144 9.44 13.58 34.57
CA ALA B 144 10.47 12.66 34.13
C ALA B 144 11.38 12.24 35.28
N ARG B 145 11.44 13.02 36.37
CA ARG B 145 12.34 12.68 37.46
C ARG B 145 11.81 11.46 38.21
N ALA B 146 10.55 11.51 38.66
CA ALA B 146 9.96 10.41 39.43
C ALA B 146 10.05 9.11 38.63
N LEU B 147 9.85 9.22 37.31
CA LEU B 147 10.00 8.06 36.44
C LEU B 147 11.46 7.58 36.47
N ALA B 148 12.40 8.50 36.28
CA ALA B 148 13.82 8.16 36.27
C ALA B 148 14.22 7.48 37.59
N ILE B 149 13.64 7.93 38.70
CA ILE B 149 13.94 7.33 40.00
C ILE B 149 13.45 5.89 40.04
N ARG B 150 12.25 5.64 39.50
CA ARG B 150 11.71 4.29 39.45
C ARG B 150 12.55 3.43 38.49
N LEU B 151 13.05 4.01 37.40
CA LEU B 151 13.94 3.30 36.49
C LEU B 151 15.35 3.19 37.09
N ALA B 152 15.59 3.88 38.21
CA ALA B 152 16.83 3.77 38.97
C ALA B 152 16.72 2.70 40.07
N ARG B 153 15.57 2.02 40.15
CA ARG B 153 15.35 0.97 41.13
C ARG B 153 14.74 -0.30 40.52
N HIS B 154 14.22 -0.23 39.29
CA HIS B 154 13.70 -1.40 38.60
C HIS B 154 14.81 -2.09 37.81
N ARG B 155 14.93 -3.41 37.99
CA ARG B 155 15.80 -4.22 37.16
C ARG B 155 14.93 -4.88 36.09
N PRO B 156 15.23 -4.65 34.79
CA PRO B 156 14.26 -4.93 33.74
C PRO B 156 14.20 -6.39 33.31
N GLU B 157 13.02 -7.00 33.53
CA GLU B 157 12.70 -8.31 32.96
C GLU B 157 12.65 -8.21 31.44
N ILE B 158 12.16 -7.08 30.93
CA ILE B 158 12.05 -6.85 29.49
C ILE B 158 12.62 -5.48 29.19
N PRO B 159 13.02 -5.19 27.93
CA PRO B 159 13.48 -3.85 27.58
C PRO B 159 12.34 -2.84 27.63
N ILE B 160 12.60 -1.71 28.31
CA ILE B 160 11.60 -0.69 28.54
C ILE B 160 11.93 0.54 27.70
N GLY B 161 10.90 1.15 27.11
CA GLY B 161 11.03 2.39 26.35
C GLY B 161 10.39 3.57 27.06
N VAL B 162 10.82 4.78 26.68
CA VAL B 162 10.28 5.99 27.26
C VAL B 162 9.76 6.91 26.14
N ASN B 163 8.50 7.33 26.28
CA ASN B 163 7.85 8.25 25.35
C ASN B 163 7.84 9.65 25.97
N ILE B 164 8.49 10.60 25.29
CA ILE B 164 8.68 11.94 25.81
C ILE B 164 7.76 12.90 25.10
N GLY B 165 7.33 13.94 25.84
CA GLY B 165 6.38 14.92 25.33
C GLY B 165 6.71 16.31 25.83
N LYS B 166 6.13 17.32 25.18
CA LYS B 166 6.33 18.71 25.55
C LYS B 166 5.43 19.06 26.73
N THR B 167 6.03 19.69 27.75
CA THR B 167 5.28 20.22 28.86
C THR B 167 4.37 21.33 28.34
N LYS B 168 3.12 21.35 28.82
CA LYS B 168 2.12 22.24 28.27
C LYS B 168 2.43 23.70 28.63
N LYS B 169 3.08 23.94 29.79
CA LYS B 169 3.27 25.29 30.27
C LYS B 169 4.34 26.02 29.46
N THR B 170 5.42 25.32 29.08
CA THR B 170 6.50 25.94 28.34
C THR B 170 6.00 26.28 26.94
N PRO B 171 6.39 27.45 26.37
CA PRO B 171 5.95 27.82 25.03
C PRO B 171 6.55 26.93 23.95
N ALA B 172 6.08 27.12 22.72
CA ALA B 172 6.45 26.27 21.60
C ALA B 172 7.91 26.47 21.21
N GLY B 173 8.42 27.71 21.33
CA GLY B 173 9.80 28.02 21.00
C GLY B 173 10.80 27.22 21.83
N ASP B 174 10.48 27.03 23.12
CA ASP B 174 11.37 26.34 24.06
C ASP B 174 11.24 24.82 23.96
N ALA B 175 10.39 24.33 23.05
CA ALA B 175 10.07 22.90 23.02
C ALA B 175 11.30 22.06 22.69
N VAL B 176 12.11 22.53 21.74
CA VAL B 176 13.29 21.81 21.31
C VAL B 176 14.18 21.52 22.53
N ASN B 177 14.23 22.46 23.48
CA ASN B 177 14.98 22.26 24.72
C ASN B 177 14.17 21.44 25.72
N ASP B 178 12.84 21.59 25.72
CA ASP B 178 11.98 20.80 26.58
C ASP B 178 12.10 19.31 26.23
N TYR B 179 11.91 18.98 24.95
CA TYR B 179 12.12 17.61 24.48
C TYR B 179 13.55 17.16 24.78
N ARG B 180 14.50 18.10 24.73
CA ARG B 180 15.90 17.81 24.98
C ARG B 180 16.12 17.47 26.47
N ALA B 181 15.55 18.25 27.37
CA ALA B 181 15.85 18.14 28.79
C ALA B 181 15.48 16.76 29.32
N SER B 182 14.35 16.22 28.86
CA SER B 182 13.91 14.90 29.30
C SER B 182 14.91 13.84 28.85
N ALA B 183 15.39 13.95 27.60
CA ALA B 183 16.25 12.92 27.01
C ALA B 183 17.51 12.73 27.84
N ARG B 184 18.04 13.81 28.42
CA ARG B 184 19.23 13.70 29.25
C ARG B 184 18.89 12.96 30.54
N MET B 185 17.73 13.28 31.12
CA MET B 185 17.38 12.81 32.45
C MET B 185 17.09 11.31 32.42
N VAL B 186 16.15 10.89 31.56
CA VAL B 186 15.66 9.52 31.55
C VAL B 186 16.36 8.67 30.48
N GLY B 187 17.11 9.31 29.58
CA GLY B 187 17.69 8.64 28.43
C GLY B 187 18.52 7.42 28.79
N PRO B 188 19.54 7.57 29.65
CA PRO B 188 20.42 6.44 29.99
C PRO B 188 19.71 5.20 30.54
N LEU B 189 18.60 5.38 31.27
CA LEU B 189 17.96 4.28 31.98
C LEU B 189 16.97 3.54 31.09
N ALA B 190 16.84 3.93 29.81
CA ALA B 190 15.85 3.35 28.92
C ALA B 190 16.54 2.50 27.85
N SER B 191 15.77 1.60 27.23
CA SER B 191 16.23 0.82 26.11
C SER B 191 16.05 1.60 24.81
N TYR B 192 15.03 2.46 24.74
CA TYR B 192 14.81 3.33 23.59
C TYR B 192 13.97 4.54 24.00
N LEU B 193 14.12 5.64 23.25
CA LEU B 193 13.40 6.88 23.51
C LEU B 193 12.47 7.18 22.34
N VAL B 194 11.24 7.55 22.66
CA VAL B 194 10.26 7.94 21.67
C VAL B 194 9.87 9.39 21.90
N VAL B 195 9.96 10.20 20.84
CA VAL B 195 9.53 11.59 20.89
C VAL B 195 8.14 11.69 20.28
N ASN B 196 7.21 12.29 21.04
CA ASN B 196 5.80 12.33 20.66
C ASN B 196 5.47 13.73 20.17
N VAL B 197 5.27 13.87 18.86
CA VAL B 197 4.79 15.09 18.26
C VAL B 197 3.41 14.86 17.64
N SER B 198 2.75 13.75 18.04
CA SER B 198 1.57 13.24 17.34
C SER B 198 0.27 13.43 18.13
N SER B 199 0.33 13.35 19.47
CA SER B 199 -0.87 13.23 20.28
C SER B 199 -1.75 14.48 20.10
N PRO B 200 -3.03 14.34 19.67
CA PRO B 200 -3.91 15.49 19.50
C PRO B 200 -4.20 16.31 20.75
N ASN B 201 -4.13 15.69 21.94
CA ASN B 201 -4.67 16.28 23.15
C ASN B 201 -3.77 17.38 23.72
N THR B 202 -2.67 17.72 23.03
CA THR B 202 -1.85 18.85 23.43
C THR B 202 -1.92 19.91 22.32
N PRO B 203 -2.26 21.18 22.64
CA PRO B 203 -2.42 22.20 21.61
C PRO B 203 -1.11 22.49 20.88
N GLY B 204 -1.17 22.47 19.55
CA GLY B 204 -0.02 22.81 18.73
C GLY B 204 1.10 21.78 18.80
N LEU B 205 0.73 20.51 19.02
CA LEU B 205 1.73 19.43 19.01
C LEU B 205 1.87 18.86 17.60
N ARG B 206 0.74 18.68 16.90
CA ARG B 206 0.76 18.28 15.50
C ARG B 206 1.52 19.33 14.68
N ASP B 207 1.53 20.57 15.18
CA ASP B 207 2.24 21.65 14.51
C ASP B 207 3.75 21.43 14.61
N LEU B 208 4.21 20.91 15.76
CA LEU B 208 5.63 20.60 15.93
C LEU B 208 6.05 19.44 15.03
N GLN B 209 5.10 18.57 14.65
CA GLN B 209 5.39 17.41 13.82
C GLN B 209 5.92 17.81 12.44
N ALA B 210 5.65 19.05 12.02
CA ALA B 210 6.21 19.58 10.78
C ALA B 210 7.73 19.44 10.80
N VAL B 211 8.32 19.12 9.64
CA VAL B 211 9.72 18.75 9.53
C VAL B 211 10.62 19.87 10.06
N GLU B 212 10.31 21.12 9.68
CA GLU B 212 11.14 22.26 10.01
C GLU B 212 11.30 22.39 11.54
N SER B 213 10.24 22.12 12.29
CA SER B 213 10.29 22.19 13.74
C SER B 213 10.86 20.89 14.32
N LEU B 214 10.68 19.77 13.62
CA LEU B 214 11.05 18.47 14.18
C LEU B 214 12.56 18.25 14.12
N ARG B 215 13.21 18.69 13.03
CA ARG B 215 14.63 18.48 12.82
C ARG B 215 15.47 18.98 14.00
N PRO B 216 15.33 20.23 14.50
CA PRO B 216 16.14 20.67 15.64
C PRO B 216 15.88 19.84 16.90
N ILE B 217 14.65 19.39 17.10
CA ILE B 217 14.31 18.58 18.27
C ILE B 217 15.06 17.25 18.19
N LEU B 218 14.99 16.58 17.04
CA LEU B 218 15.51 15.22 16.91
C LEU B 218 17.02 15.21 17.04
N SER B 219 17.70 16.12 16.33
CA SER B 219 19.15 16.22 16.40
C SER B 219 19.59 16.51 17.84
N ALA B 220 18.84 17.36 18.56
CA ALA B 220 19.15 17.67 19.94
C ALA B 220 18.93 16.44 20.82
N VAL B 221 17.83 15.71 20.59
CA VAL B 221 17.55 14.51 21.36
C VAL B 221 18.58 13.43 21.03
N ARG B 222 18.93 13.31 19.73
CA ARG B 222 19.95 12.37 19.28
C ARG B 222 21.27 12.64 20.03
N ALA B 223 21.58 13.92 20.27
CA ALA B 223 22.80 14.30 20.96
C ALA B 223 22.72 14.09 22.47
N GLU B 224 21.50 13.97 23.02
CA GLU B 224 21.33 13.98 24.47
C GLU B 224 21.58 12.61 25.08
N THR B 225 21.38 11.52 24.32
CA THR B 225 21.60 10.18 24.85
C THR B 225 22.10 9.28 23.73
N SER B 226 22.89 8.26 24.10
CA SER B 226 23.41 7.30 23.14
C SER B 226 22.37 6.22 22.82
N THR B 227 21.45 5.97 23.77
CA THR B 227 20.39 5.00 23.57
C THR B 227 19.57 5.37 22.33
N PRO B 228 19.09 4.39 21.54
CA PRO B 228 18.40 4.68 20.28
C PRO B 228 17.14 5.52 20.48
N VAL B 229 16.88 6.40 19.51
CA VAL B 229 15.78 7.34 19.58
C VAL B 229 14.80 7.03 18.45
N LEU B 230 13.50 7.22 18.73
CA LEU B 230 12.45 7.04 17.74
C LEU B 230 11.50 8.22 17.81
N VAL B 231 10.69 8.35 16.77
CA VAL B 231 9.75 9.46 16.65
C VAL B 231 8.34 8.90 16.47
N LYS B 232 7.37 9.57 17.10
CA LYS B 232 5.99 9.13 17.06
C LYS B 232 5.17 10.05 16.16
N ILE B 233 4.58 9.46 15.09
CA ILE B 233 3.80 10.22 14.13
C ILE B 233 2.31 9.98 14.35
N ALA B 234 1.51 10.95 13.90
CA ALA B 234 0.06 10.95 13.95
C ALA B 234 -0.53 10.42 12.64
N PRO B 235 -1.74 9.82 12.67
CA PRO B 235 -2.37 9.31 11.44
C PRO B 235 -3.08 10.39 10.60
N ASP B 236 -3.15 11.62 11.11
CA ASP B 236 -3.94 12.67 10.50
C ASP B 236 -3.13 13.50 9.51
N LEU B 237 -1.95 13.02 9.08
CA LEU B 237 -1.09 13.78 8.20
C LEU B 237 -1.10 13.18 6.79
N SER B 238 -0.81 14.03 5.79
CA SER B 238 -0.87 13.66 4.38
C SER B 238 0.31 12.76 4.03
N ASP B 239 0.14 12.00 2.95
CA ASP B 239 1.12 11.02 2.52
C ASP B 239 2.43 11.67 2.10
N SER B 240 2.34 12.81 1.41
CA SER B 240 3.52 13.49 0.92
C SER B 240 4.38 13.98 2.08
N ASP B 241 3.74 14.51 3.14
CA ASP B 241 4.46 14.98 4.31
C ASP B 241 5.17 13.82 5.01
N LEU B 242 4.48 12.68 5.14
CA LEU B 242 5.05 11.52 5.82
C LEU B 242 6.30 11.01 5.10
N ASP B 243 6.30 11.09 3.77
CA ASP B 243 7.45 10.68 2.98
C ASP B 243 8.64 11.61 3.25
N ASP B 244 8.37 12.87 3.57
CA ASP B 244 9.41 13.83 3.90
C ASP B 244 9.87 13.65 5.36
N ILE B 245 8.93 13.32 6.25
CA ILE B 245 9.27 13.08 7.65
C ILE B 245 10.18 11.86 7.76
N ALA B 246 9.93 10.85 6.91
CA ALA B 246 10.80 9.69 6.85
C ALA B 246 12.17 10.06 6.30
N ASP B 247 12.23 11.05 5.40
CA ASP B 247 13.49 11.50 4.83
C ASP B 247 14.32 12.24 5.88
N LEU B 248 13.65 12.92 6.82
CA LEU B 248 14.35 13.54 7.94
C LEU B 248 14.98 12.46 8.81
N ALA B 249 14.21 11.41 9.10
CA ALA B 249 14.65 10.36 10.01
C ALA B 249 15.90 9.66 9.48
N VAL B 250 15.92 9.33 8.18
CA VAL B 250 17.00 8.55 7.61
C VAL B 250 18.30 9.36 7.61
N GLU B 251 18.20 10.66 7.31
CA GLU B 251 19.37 11.53 7.39
C GLU B 251 19.85 11.65 8.83
N LEU B 252 18.93 11.91 9.77
CA LEU B 252 19.26 12.01 11.17
C LEU B 252 19.63 10.67 11.80
N ASP B 253 19.49 9.56 11.03
CA ASP B 253 19.92 8.21 11.39
C ASP B 253 19.24 7.69 12.66
N LEU B 254 18.07 8.25 13.02
CA LEU B 254 17.35 7.75 14.18
C LEU B 254 16.87 6.32 13.91
N ALA B 255 16.54 5.60 14.99
CA ALA B 255 16.26 4.18 14.92
C ALA B 255 14.94 3.92 14.18
N GLY B 256 13.83 4.45 14.67
CA GLY B 256 12.53 4.02 14.16
C GLY B 256 11.47 5.12 14.16
N ILE B 257 10.41 4.86 13.39
CA ILE B 257 9.23 5.71 13.35
C ILE B 257 8.05 4.88 13.81
N VAL B 258 7.24 5.48 14.69
CA VAL B 258 6.14 4.79 15.32
C VAL B 258 4.82 5.32 14.74
N ALA B 259 4.05 4.43 14.10
CA ALA B 259 2.81 4.82 13.44
C ALA B 259 1.69 3.86 13.85
N THR B 260 0.55 4.39 14.34
CA THR B 260 0.23 5.81 14.45
C THR B 260 -0.40 6.09 15.83
N ASN B 261 -0.59 7.37 16.15
CA ASN B 261 -1.23 7.75 17.41
C ASN B 261 -2.75 7.71 17.24
N THR B 262 -3.48 8.12 18.28
CA THR B 262 -4.92 8.24 18.23
C THR B 262 -5.33 9.25 17.17
N THR B 263 -6.39 8.91 16.43
CA THR B 263 -6.91 9.75 15.35
C THR B 263 -8.14 10.52 15.82
N VAL B 264 -8.30 11.73 15.29
CA VAL B 264 -9.45 12.57 15.63
C VAL B 264 -10.67 12.15 14.81
N SER B 265 -10.44 11.57 13.62
CA SER B 265 -11.51 11.21 12.69
C SER B 265 -12.52 10.28 13.35
N ARG B 266 -13.82 10.51 13.04
CA ARG B 266 -14.91 9.69 13.53
C ARG B 266 -15.50 8.83 12.42
N ASP B 267 -14.78 8.68 11.30
CA ASP B 267 -15.29 7.92 10.16
C ASP B 267 -15.24 6.42 10.48
N GLY B 268 -16.34 5.73 10.13
CA GLY B 268 -16.45 4.30 10.33
C GLY B 268 -17.08 3.93 11.67
N LEU B 269 -17.53 4.95 12.44
CA LEU B 269 -18.06 4.72 13.78
C LEU B 269 -19.34 3.87 13.70
N THR B 270 -19.55 3.07 14.75
CA THR B 270 -20.76 2.30 14.93
C THR B 270 -21.33 2.53 16.33
N THR B 271 -20.88 3.60 17.01
CA THR B 271 -21.32 3.93 18.35
C THR B 271 -21.93 5.33 18.35
N PRO B 272 -23.11 5.54 18.96
CA PRO B 272 -23.79 6.83 18.83
C PRO B 272 -23.23 7.88 19.78
N GLY B 273 -23.52 9.14 19.47
CA GLY B 273 -23.24 10.26 20.36
C GLY B 273 -21.76 10.61 20.43
N VAL B 274 -21.05 10.50 19.29
CA VAL B 274 -19.63 10.79 19.25
C VAL B 274 -19.41 12.29 19.45
N ASP B 275 -20.30 13.11 18.88
CA ASP B 275 -20.17 14.55 18.93
C ASP B 275 -20.26 15.04 20.37
N ARG B 276 -21.14 14.42 21.18
CA ARG B 276 -21.27 14.79 22.58
C ARG B 276 -19.95 14.53 23.31
N LEU B 277 -19.33 13.38 23.05
CA LEU B 277 -18.09 13.03 23.72
C LEU B 277 -17.05 14.11 23.44
N GLY B 278 -17.08 14.70 22.24
CA GLY B 278 -16.34 15.93 21.97
C GLY B 278 -15.02 15.65 21.28
N PRO B 279 -14.03 16.57 21.39
CA PRO B 279 -12.73 16.38 20.76
C PRO B 279 -12.04 15.19 21.41
N GLY B 280 -11.19 14.51 20.64
CA GLY B 280 -10.47 13.37 21.19
C GLY B 280 -9.82 12.54 20.09
N GLY B 281 -9.13 11.48 20.53
CA GLY B 281 -8.42 10.58 19.65
C GLY B 281 -9.04 9.18 19.65
N ILE B 282 -9.51 8.75 18.47
CA ILE B 282 -10.10 7.42 18.31
C ILE B 282 -8.99 6.38 18.32
N SER B 283 -9.28 5.25 18.95
CA SER B 283 -8.33 4.15 19.07
C SER B 283 -9.01 2.83 18.75
N GLY B 284 -8.26 1.94 18.10
CA GLY B 284 -8.70 0.58 17.88
C GLY B 284 -8.94 0.28 16.40
N PRO B 285 -9.91 -0.59 16.08
CA PRO B 285 -10.12 -1.06 14.71
C PRO B 285 -10.42 0.03 13.68
N PRO B 286 -11.14 1.14 14.00
CA PRO B 286 -11.32 2.20 13.01
C PRO B 286 -10.02 2.75 12.43
N LEU B 287 -8.98 2.87 13.29
CA LEU B 287 -7.69 3.40 12.86
C LEU B 287 -6.97 2.40 11.96
N ALA B 288 -7.31 1.11 12.06
CA ALA B 288 -6.50 0.06 11.45
C ALA B 288 -6.36 0.26 9.94
N GLN B 289 -7.47 0.56 9.24
CA GLN B 289 -7.42 0.64 7.79
C GLN B 289 -6.55 1.81 7.35
N ARG B 290 -6.52 2.89 8.13
CA ARG B 290 -5.59 3.99 7.90
C ARG B 290 -4.17 3.59 8.34
N ALA B 291 -4.05 2.94 9.50
CA ALA B 291 -2.74 2.66 10.09
C ALA B 291 -1.93 1.67 9.25
N VAL B 292 -2.61 0.75 8.55
CA VAL B 292 -1.92 -0.20 7.70
C VAL B 292 -1.29 0.52 6.51
N GLN B 293 -2.07 1.40 5.86
CA GLN B 293 -1.60 2.15 4.71
C GLN B 293 -0.40 3.00 5.11
N VAL B 294 -0.49 3.68 6.26
CA VAL B 294 0.63 4.46 6.76
C VAL B 294 1.83 3.54 6.95
N LEU B 295 1.63 2.40 7.61
CA LEU B 295 2.70 1.44 7.81
C LEU B 295 3.24 0.95 6.47
N ARG B 296 2.34 0.73 5.50
CA ARG B 296 2.75 0.33 4.17
C ARG B 296 3.66 1.39 3.55
N ARG B 297 3.23 2.66 3.58
CA ARG B 297 3.96 3.74 2.94
C ARG B 297 5.37 3.85 3.52
N LEU B 298 5.49 3.86 4.85
CA LEU B 298 6.78 4.01 5.49
C LEU B 298 7.72 2.88 5.07
N TYR B 299 7.19 1.67 4.88
CA TYR B 299 8.04 0.54 4.53
C TYR B 299 8.53 0.60 3.09
N ASP B 300 7.81 1.31 2.21
CA ASP B 300 8.25 1.45 0.83
C ASP B 300 9.63 2.11 0.79
N ARG B 301 9.80 3.19 1.56
CA ARG B 301 11.11 3.79 1.74
C ARG B 301 11.90 2.99 2.78
N VAL B 302 13.16 3.36 3.04
CA VAL B 302 14.03 2.69 3.99
C VAL B 302 13.77 1.17 3.98
N ALA B 307 13.97 1.47 11.47
CA ALA B 307 13.03 0.49 12.05
C ALA B 307 11.60 1.02 11.97
N LEU B 308 10.63 0.10 11.92
CA LEU B 308 9.22 0.45 11.92
C LEU B 308 8.49 -0.28 13.02
N ILE B 309 7.67 0.46 13.77
CA ILE B 309 6.78 -0.12 14.76
C ILE B 309 5.35 0.24 14.36
N SER B 310 4.51 -0.80 14.24
CA SER B 310 3.13 -0.62 13.83
C SER B 310 2.24 -0.58 15.07
N VAL B 311 1.45 0.50 15.18
CA VAL B 311 0.52 0.69 16.29
C VAL B 311 -0.83 1.07 15.71
N GLY B 312 -1.90 0.61 16.37
CA GLY B 312 -3.26 0.96 16.00
C GLY B 312 -4.03 -0.20 15.38
N GLY B 313 -5.14 -0.58 16.02
CA GLY B 313 -6.10 -1.52 15.45
C GLY B 313 -5.55 -2.94 15.29
N ILE B 314 -4.89 -3.45 16.33
CA ILE B 314 -4.47 -4.84 16.36
C ILE B 314 -5.24 -5.57 17.45
N GLU B 315 -6.00 -6.61 17.06
CA GLU B 315 -6.74 -7.41 18.02
C GLU B 315 -6.56 -8.91 17.76
N THR B 316 -6.11 -9.33 16.57
CA THR B 316 -5.95 -10.74 16.26
C THR B 316 -4.53 -11.00 15.76
N ALA B 317 -4.16 -12.29 15.69
CA ALA B 317 -2.85 -12.68 15.19
C ALA B 317 -2.76 -12.39 13.69
N ASP B 318 -3.90 -12.46 12.99
CA ASP B 318 -3.95 -12.20 11.56
C ASP B 318 -3.75 -10.72 11.27
N ASP B 319 -4.22 -9.85 12.18
CA ASP B 319 -3.95 -8.42 12.07
C ASP B 319 -2.46 -8.16 12.29
N ALA B 320 -1.88 -8.80 13.31
CA ALA B 320 -0.44 -8.69 13.54
C ALA B 320 0.33 -9.20 12.32
N TRP B 321 -0.20 -10.25 11.66
CA TRP B 321 0.40 -10.77 10.45
C TRP B 321 0.31 -9.73 9.33
N GLU B 322 -0.78 -8.96 9.29
CA GLU B 322 -0.91 -7.87 8.33
C GLU B 322 0.10 -6.76 8.67
N ARG B 323 0.53 -6.68 9.93
CA ARG B 323 1.53 -5.71 10.34
C ARG B 323 2.94 -6.22 10.00
N ILE B 324 3.21 -7.50 10.28
CA ILE B 324 4.54 -8.04 10.04
C ILE B 324 4.80 -8.08 8.53
N THR B 325 3.76 -8.35 7.73
CA THR B 325 3.92 -8.40 6.29
C THR B 325 4.28 -7.03 5.72
N ALA B 326 4.10 -5.96 6.50
CA ALA B 326 4.51 -4.63 6.08
C ALA B 326 5.84 -4.21 6.73
N GLY B 327 6.46 -5.06 7.54
CA GLY B 327 7.85 -4.87 7.96
C GLY B 327 8.02 -4.24 9.34
N ALA B 328 6.96 -4.22 10.16
CA ALA B 328 7.07 -3.66 11.50
C ALA B 328 7.70 -4.70 12.42
N SER B 329 8.99 -4.51 12.75
CA SER B 329 9.73 -5.41 13.62
C SER B 329 9.06 -5.55 14.99
N LEU B 330 8.40 -4.48 15.47
CA LEU B 330 7.73 -4.51 16.77
C LEU B 330 6.32 -3.95 16.62
N LEU B 331 5.43 -4.42 17.50
CA LEU B 331 4.03 -4.03 17.46
C LEU B 331 3.57 -3.79 18.90
N GLN B 332 2.95 -2.64 19.12
CA GLN B 332 2.33 -2.36 20.40
C GLN B 332 0.87 -2.00 20.18
N GLY B 333 0.06 -2.22 21.22
CA GLY B 333 -1.35 -1.90 21.18
C GLY B 333 -1.90 -1.62 22.59
N TYR B 334 -2.94 -0.77 22.67
CA TYR B 334 -3.59 -0.42 23.92
C TYR B 334 -4.99 -1.06 24.00
N THR B 335 -5.81 -0.81 22.97
CA THR B 335 -7.22 -1.18 23.00
C THR B 335 -7.39 -2.70 23.10
N GLY B 336 -6.62 -3.45 22.32
CA GLY B 336 -6.78 -4.90 22.23
C GLY B 336 -6.72 -5.60 23.58
N PHE B 337 -5.80 -5.16 24.44
CA PHE B 337 -5.59 -5.80 25.73
C PHE B 337 -6.83 -5.65 26.62
N ILE B 338 -7.42 -4.45 26.62
CA ILE B 338 -8.57 -4.15 27.45
C ILE B 338 -9.71 -5.10 27.12
N TYR B 339 -9.96 -5.33 25.83
CA TYR B 339 -11.06 -6.19 25.41
C TYR B 339 -10.64 -7.66 25.43
N GLY B 340 -9.39 -7.95 25.07
CA GLY B 340 -8.94 -9.32 24.96
C GLY B 340 -8.79 -10.00 26.33
N GLY B 341 -8.08 -9.33 27.23
CA GLY B 341 -7.79 -9.88 28.54
C GLY B 341 -6.33 -10.34 28.65
N GLU B 342 -6.05 -11.12 29.70
CA GLU B 342 -4.68 -11.50 30.03
C GLU B 342 -4.15 -12.46 28.98
N ARG B 343 -5.05 -13.34 28.50
CA ARG B 343 -4.77 -14.29 27.44
C ARG B 343 -4.18 -13.57 26.23
N TRP B 344 -4.77 -12.42 25.92
CA TRP B 344 -4.69 -11.79 24.62
C TRP B 344 -3.24 -11.57 24.20
N ALA B 345 -2.41 -11.10 25.13
CA ALA B 345 -0.99 -10.89 24.86
C ALA B 345 -0.34 -12.15 24.29
N LYS B 346 -0.45 -13.27 25.02
CA LYS B 346 0.23 -14.49 24.60
C LYS B 346 -0.50 -15.15 23.44
N ASP B 347 -1.84 -15.12 23.43
CA ASP B 347 -2.61 -15.75 22.37
C ASP B 347 -2.20 -15.16 21.01
N ILE B 348 -1.88 -13.87 20.98
CA ILE B 348 -1.32 -13.26 19.78
C ILE B 348 0.05 -13.88 19.52
N HIS B 349 0.87 -14.01 20.57
CA HIS B 349 2.22 -14.55 20.46
C HIS B 349 2.20 -15.95 19.85
N GLU B 350 1.43 -16.84 20.47
CA GLU B 350 1.35 -18.22 20.02
C GLU B 350 0.83 -18.29 18.58
N GLY B 351 -0.13 -17.41 18.25
CA GLY B 351 -0.68 -17.33 16.90
C GLY B 351 0.39 -16.96 15.88
N ILE B 352 1.23 -15.99 16.24
CA ILE B 352 2.29 -15.53 15.35
C ILE B 352 3.29 -16.65 15.08
N ALA B 353 3.69 -17.39 16.12
CA ALA B 353 4.65 -18.49 15.97
C ALA B 353 4.14 -19.51 14.95
N ARG B 354 2.82 -19.75 14.92
CA ARG B 354 2.26 -20.70 13.98
C ARG B 354 2.28 -20.12 12.56
N ARG B 355 1.91 -18.84 12.42
CA ARG B 355 1.81 -18.21 11.11
C ARG B 355 3.18 -18.21 10.42
N LEU B 356 4.25 -17.96 11.17
CA LEU B 356 5.60 -18.00 10.60
C LEU B 356 6.00 -19.45 10.31
N HIS B 357 5.59 -20.38 11.17
CA HIS B 357 5.82 -21.81 10.93
C HIS B 357 5.10 -22.25 9.66
N ASP B 358 3.94 -21.65 9.36
CA ASP B 358 3.22 -21.93 8.13
C ASP B 358 4.01 -21.41 6.92
N GLY B 359 4.83 -20.38 7.12
CA GLY B 359 5.71 -19.85 6.08
C GLY B 359 7.06 -20.53 6.11
N GLU B 366 12.70 -11.29 9.16
CA GLU B 366 12.88 -12.01 7.87
C GLU B 366 11.56 -12.00 7.10
N ALA B 367 10.49 -12.50 7.73
CA ALA B 367 9.16 -12.49 7.12
C ALA B 367 8.61 -11.07 7.06
N VAL B 368 9.22 -10.16 7.83
CA VAL B 368 8.78 -8.79 7.91
C VAL B 368 8.88 -8.12 6.53
N GLY B 369 7.81 -7.44 6.13
CA GLY B 369 7.81 -6.63 4.92
C GLY B 369 7.53 -7.44 3.64
N SER B 370 6.73 -8.51 3.76
CA SER B 370 6.41 -9.34 2.62
C SER B 370 5.45 -8.63 1.65
N ALA B 371 4.55 -7.78 2.16
CA ALA B 371 3.57 -7.09 1.34
C ALA B 371 4.25 -6.24 0.26
N ARG B 372 5.43 -5.70 0.55
CA ARG B 372 6.16 -4.90 -0.42
C ARG B 372 7.11 -5.76 -1.25
N ARG B 373 7.76 -6.75 -0.63
CA ARG B 373 8.66 -7.66 -1.36
C ARG B 373 7.85 -8.52 -2.34
N ARG B 374 8.55 -9.31 -3.17
CA ARG B 374 7.90 -10.15 -4.16
C ARG B 374 6.96 -11.14 -3.48
#